data_5M0E
#
_entry.id   5M0E
#
_cell.length_a   53.618
_cell.length_b   61.729
_cell.length_c   63.696
_cell.angle_alpha   103.43
_cell.angle_beta   98.18
_cell.angle_gamma   93.50
#
_symmetry.space_group_name_H-M   'P 1'
#
loop_
_entity.id
_entity.type
_entity.pdbx_description
1 polymer 'Ectonucleotide pyrophosphatase/phosphodiesterase family member 2'
2 branched beta-D-mannopyranose-(1-4)-2-acetamido-2-deoxy-beta-D-glucopyranose-(1-4)-2-acetamido-2-deoxy-beta-D-glucopyranose
3 non-polymer 'ZINC ION'
4 non-polymer 'IODIDE ION'
5 non-polymer 'CALCIUM ION'
6 non-polymer 'SODIUM ION'
7 non-polymer 7alpha-hydroxycholesterol
8 non-polymer '[3,5-bis(chloranyl)phenyl]methyl 4-[(3~{R})-3-oxidanyl-3-(2-oxidanylidene-3~{H}-1,3-benzoxazol-6-yl)propyl]piperazine-1-carboxylate'
9 non-polymer 'THIOCYANATE ION'
10 non-polymer GLYCEROL
11 water water
#
_entity_poly.entity_id   1
_entity_poly.type   'polypeptide(L)'
_entity_poly.pdbx_seq_one_letter_code
;AEWDEGPPTVLSDSPWTNTSGSCKGRCFELQEVGPPDCRCDNLCKSYSSCCHDFDELCLKTARGWECTKDRCGEVRNEEN
ACHCSEDCLSRGDCCTNYQVVCKGESHWVDDDCEEIKVPECPAGFVRPPLIIFSVDGFRASYMKKGSKVMPNIEKLRSCG
THAPYMRPVYPTKTFPNLYTLATGLYPESHGIVGNSMYDPVFDASFHLRGREKFNHRWWGGQPLWITATKQGVRAGTFFW
SVSIPHERRILTILQWLSLPDNERPSVYAFYSEQPDFSGHKYGPFGPEMTNPLREIDKTVGQLMDGLKQLRLHRCVNVIF
VGDHGMEDVTCDRTEFLSNYLTNVDDITLVPGTLGRIRAKSINNSKYDPKTIIAALTCKKPDQHFKPYMKQHLPKRLHYA
NNRRIEDIHLLVDRRWHVARKPLDVYKKPSGKCFFQGDHGFDNKVNSMQTVFVGYGPTFKYRTKVPPFENIELYNVMCDL
LGLKPAPNNGTHGSLNHLLRTNTFRPTMPDEVSRPNYPGIMYLQSEFDLGCTCDDKVEPKNKLEEFNKRLHTKGSTKERH
LLYGRPAVLYRTSYDILYHTDFESGYSEIFLMPLWTSYTISKQAEVSSIPEHLTNCVRPDVRVSPGFSQNCLAYKNDKQM
SYGFLFPPYLSSSPEAKYDAFLVTNMVPMYPAFKRVWAYFQRVLVKKYASERNGVNVISGPIFDYNYDGLRDTEDEIKQY
VEGSSIPVPTHYYSIITSCLDFTQPADKCDGPLSVSSFILPHRPDNDESCASSEDESKWVEELMKMHTARVRDIEHLTGL
DFYRKTSRSYSEILTLKTYLHTYESEI
;
_entity_poly.pdbx_strand_id   A
#
loop_
_chem_comp.id
_chem_comp.type
_chem_comp.name
_chem_comp.formula
5JK non-polymer 7alpha-hydroxycholesterol 'C27 H46 O2'
7CR non-polymer '[3,5-bis(chloranyl)phenyl]methyl 4-[(3~{R})-3-oxidanyl-3-(2-oxidanylidene-3~{H}-1,3-benzoxazol-6-yl)propyl]piperazine-1-carboxylate' 'C22 H23 Cl2 N3 O5'
BMA D-saccharide, beta linking beta-D-mannopyranose 'C6 H12 O6'
CA non-polymer 'CALCIUM ION' 'Ca 2'
GOL non-polymer GLYCEROL 'C3 H8 O3'
IOD non-polymer 'IODIDE ION' 'I -1'
NA non-polymer 'SODIUM ION' 'Na 1'
NAG D-saccharide, beta linking 2-acetamido-2-deoxy-beta-D-glucopyranose 'C8 H15 N O6'
SCN non-polymer 'THIOCYANATE ION' 'C N S -1'
ZN non-polymer 'ZINC ION' 'Zn 2'
#
# COMPACT_ATOMS: atom_id res chain seq x y z
N GLY A 21 -39.08 16.78 -18.19
CA GLY A 21 -39.68 16.38 -16.88
C GLY A 21 -39.97 14.90 -16.67
N SER A 22 -39.55 14.03 -17.60
CA SER A 22 -39.84 12.60 -17.54
C SER A 22 -38.60 11.72 -17.77
N CYS A 23 -38.64 10.49 -17.23
CA CYS A 23 -37.59 9.46 -17.40
C CYS A 23 -37.87 8.49 -18.55
N LYS A 24 -38.99 8.69 -19.24
CA LYS A 24 -39.41 7.84 -20.37
C LYS A 24 -38.24 7.63 -21.34
N GLY A 25 -37.88 6.37 -21.56
CA GLY A 25 -36.76 5.99 -22.40
C GLY A 25 -35.39 6.47 -21.97
N ARG A 26 -35.21 6.85 -20.71
CA ARG A 26 -33.93 7.39 -20.22
C ARG A 26 -33.46 6.79 -18.89
N CYS A 27 -34.02 5.67 -18.45
CA CYS A 27 -33.66 5.12 -17.15
C CYS A 27 -32.20 4.71 -17.13
N PHE A 28 -31.45 5.24 -16.16
CA PHE A 28 -30.00 5.05 -16.03
C PHE A 28 -29.22 5.53 -17.25
N GLU A 29 -29.73 6.57 -17.92
CA GLU A 29 -28.99 7.30 -18.94
C GLU A 29 -27.58 7.58 -18.43
N LEU A 30 -26.60 7.56 -19.33
CA LEU A 30 -25.19 7.74 -18.96
C LEU A 30 -24.73 9.22 -18.82
N GLN A 31 -25.41 10.14 -19.50
CA GLN A 31 -25.14 11.59 -19.32
C GLN A 31 -25.54 12.12 -17.94
N PRO A 36 -30.95 22.02 -12.95
CA PRO A 36 -31.96 21.40 -12.11
C PRO A 36 -33.02 20.55 -12.85
N ASP A 37 -32.91 20.43 -14.18
CA ASP A 37 -33.87 19.65 -14.97
C ASP A 37 -33.64 18.20 -14.60
N CYS A 38 -34.73 17.48 -14.35
CA CYS A 38 -34.68 16.25 -13.57
C CYS A 38 -33.88 15.11 -14.21
N ARG A 39 -33.30 14.29 -13.34
CA ARG A 39 -32.32 13.31 -13.76
C ARG A 39 -32.89 11.92 -13.63
N CYS A 40 -32.37 10.99 -14.45
CA CYS A 40 -32.77 9.60 -14.43
C CYS A 40 -31.55 8.67 -14.33
N ASP A 41 -30.43 9.23 -13.89
CA ASP A 41 -29.17 8.47 -13.78
C ASP A 41 -29.18 7.78 -12.44
N ASN A 42 -28.26 6.85 -12.27
CA ASN A 42 -28.23 6.03 -11.07
C ASN A 42 -27.95 6.76 -9.73
N LEU A 43 -27.49 8.02 -9.79
CA LEU A 43 -27.25 8.82 -8.60
C LEU A 43 -28.30 9.88 -8.31
N CYS A 44 -29.33 10.02 -9.14
CA CYS A 44 -30.34 11.06 -8.93
C CYS A 44 -30.98 11.01 -7.53
N LYS A 45 -31.13 9.80 -7.02
CA LYS A 45 -31.62 9.61 -5.65
C LYS A 45 -30.77 10.37 -4.63
N SER A 46 -29.46 10.19 -4.71
CA SER A 46 -28.55 10.80 -3.74
C SER A 46 -28.50 12.32 -3.82
N TYR A 47 -28.77 12.91 -4.99
CA TYR A 47 -28.95 14.37 -5.12
C TYR A 47 -30.42 14.79 -5.04
N SER A 48 -31.33 13.83 -4.79
CA SER A 48 -32.77 14.05 -4.80
C SER A 48 -33.24 14.90 -5.97
N SER A 49 -32.83 14.53 -7.17
CA SER A 49 -33.17 15.27 -8.39
C SER A 49 -33.72 14.33 -9.46
N CYS A 50 -34.34 13.23 -9.02
CA CYS A 50 -34.94 12.27 -9.93
C CYS A 50 -36.24 12.84 -10.44
N CYS A 51 -36.56 12.59 -11.71
CA CYS A 51 -37.87 12.97 -12.28
C CYS A 51 -38.99 12.29 -11.51
N HIS A 52 -40.18 12.88 -11.59
CA HIS A 52 -41.37 12.36 -10.92
C HIS A 52 -41.58 10.85 -11.21
N ASP A 53 -41.40 10.44 -12.46
CA ASP A 53 -41.66 9.03 -12.84
C ASP A 53 -40.44 8.09 -12.71
N PHE A 54 -39.34 8.55 -12.09
CA PHE A 54 -38.13 7.71 -11.95
C PHE A 54 -38.35 6.37 -11.23
N ASP A 55 -39.05 6.39 -10.11
CA ASP A 55 -39.25 5.17 -9.31
C ASP A 55 -40.18 4.16 -10.01
N GLU A 56 -41.25 4.67 -10.64
CA GLU A 56 -42.24 3.85 -11.28
C GLU A 56 -41.68 3.17 -12.55
N LEU A 57 -40.87 3.89 -13.34
CA LEU A 57 -40.33 3.40 -14.61
C LEU A 57 -38.94 2.77 -14.49
N CYS A 58 -38.06 3.32 -13.67
CA CYS A 58 -36.69 2.85 -13.60
C CYS A 58 -36.41 1.84 -12.50
N LEU A 59 -37.27 1.79 -11.49
CA LEU A 59 -37.09 0.87 -10.37
C LEU A 59 -38.23 -0.15 -10.30
N LYS A 60 -38.59 -0.75 -11.44
CA LYS A 60 -39.61 -1.82 -11.44
C LYS A 60 -39.03 -2.97 -10.65
N THR A 61 -39.90 -3.64 -9.88
CA THR A 61 -39.52 -4.86 -9.19
C THR A 61 -40.51 -5.99 -9.39
N ALA A 62 -41.53 -5.77 -10.20
CA ALA A 62 -42.60 -6.75 -10.35
C ALA A 62 -42.05 -8.09 -10.87
N ARG A 63 -42.42 -9.14 -10.14
CA ARG A 63 -42.07 -10.53 -10.39
C ARG A 63 -40.62 -10.82 -10.14
N GLY A 64 -39.92 -9.88 -9.51
CA GLY A 64 -38.54 -10.06 -9.16
C GLY A 64 -37.61 -10.25 -10.36
N TRP A 65 -36.55 -11.02 -10.13
CA TRP A 65 -35.34 -10.92 -10.91
C TRP A 65 -34.96 -12.19 -11.64
N GLU A 66 -35.83 -13.19 -11.60
CA GLU A 66 -35.56 -14.49 -12.18
C GLU A 66 -36.76 -14.89 -13.04
N CYS A 67 -36.49 -15.31 -14.27
CA CYS A 67 -37.48 -16.00 -15.09
C CYS A 67 -37.80 -17.34 -14.43
N THR A 68 -39.04 -17.77 -14.60
CA THR A 68 -39.46 -19.12 -14.26
C THR A 68 -40.05 -19.70 -15.53
N LYS A 69 -40.28 -21.02 -15.53
CA LYS A 69 -40.72 -21.75 -16.73
C LYS A 69 -42.00 -21.20 -17.34
N ASP A 70 -42.98 -20.85 -16.51
CA ASP A 70 -44.27 -20.32 -16.99
C ASP A 70 -44.17 -18.91 -17.62
N ARG A 71 -43.10 -18.17 -17.31
CA ARG A 71 -42.89 -16.86 -17.88
C ARG A 71 -42.27 -16.93 -19.27
N CYS A 72 -41.66 -18.06 -19.64
CA CYS A 72 -41.03 -18.21 -20.98
C CYS A 72 -42.01 -18.01 -22.11
N GLY A 73 -41.68 -17.07 -23.00
CA GLY A 73 -42.53 -16.72 -24.13
C GLY A 73 -43.70 -15.82 -23.79
N GLU A 74 -43.69 -15.23 -22.59
CA GLU A 74 -44.74 -14.31 -22.16
C GLU A 74 -44.80 -13.13 -23.12
N VAL A 75 -45.95 -12.51 -23.16
CA VAL A 75 -46.09 -11.21 -23.76
C VAL A 75 -45.47 -10.22 -22.80
N ARG A 76 -44.55 -9.41 -23.32
CA ARG A 76 -43.99 -8.26 -22.61
C ARG A 76 -45.04 -7.50 -21.82
N ASN A 77 -44.71 -7.27 -20.54
CA ASN A 77 -45.45 -6.43 -19.65
C ASN A 77 -44.44 -5.41 -19.14
N GLU A 78 -44.62 -4.12 -19.49
CA GLU A 78 -43.61 -3.09 -19.20
C GLU A 78 -43.43 -2.79 -17.70
N GLU A 79 -44.27 -3.39 -16.86
CA GLU A 79 -44.15 -3.29 -15.43
C GLU A 79 -43.21 -4.33 -14.84
N ASN A 80 -42.77 -5.32 -15.60
CA ASN A 80 -41.88 -6.33 -15.02
C ASN A 80 -40.46 -5.83 -14.81
N ALA A 81 -39.83 -6.31 -13.74
CA ALA A 81 -38.45 -5.94 -13.37
C ALA A 81 -37.49 -6.23 -14.49
N CYS A 82 -37.57 -7.45 -15.01
CA CYS A 82 -36.86 -7.90 -16.20
C CYS A 82 -37.79 -8.81 -16.97
N HIS A 83 -37.37 -9.28 -18.14
CA HIS A 83 -38.32 -9.91 -19.08
C HIS A 83 -37.93 -11.29 -19.54
N CYS A 84 -38.94 -12.08 -19.83
CA CYS A 84 -38.75 -13.44 -20.34
C CYS A 84 -39.42 -13.64 -21.70
N SER A 85 -39.74 -12.53 -22.38
CA SER A 85 -40.36 -12.55 -23.71
C SER A 85 -39.31 -12.90 -24.78
N GLU A 86 -39.80 -13.40 -25.93
CA GLU A 86 -38.95 -13.61 -27.12
C GLU A 86 -38.19 -12.34 -27.52
N ASP A 87 -38.87 -11.20 -27.46
CA ASP A 87 -38.25 -9.93 -27.83
C ASP A 87 -37.20 -9.42 -26.87
N CYS A 88 -37.10 -9.98 -25.64
CA CYS A 88 -36.18 -9.43 -24.60
C CYS A 88 -34.73 -9.38 -25.02
N LEU A 89 -34.28 -10.34 -25.84
CA LEU A 89 -32.89 -10.29 -26.33
C LEU A 89 -32.69 -9.08 -27.23
N SER A 90 -33.61 -8.82 -28.18
CA SER A 90 -33.50 -7.60 -29.02
C SER A 90 -33.53 -6.29 -28.20
N ARG A 91 -34.26 -6.28 -27.07
CA ARG A 91 -34.26 -5.16 -26.10
C ARG A 91 -33.10 -5.09 -25.08
N GLY A 92 -32.35 -6.18 -24.87
CA GLY A 92 -31.25 -6.21 -23.90
C GLY A 92 -31.68 -6.04 -22.43
N ASP A 93 -32.85 -6.61 -22.09
CA ASP A 93 -33.45 -6.50 -20.76
C ASP A 93 -34.10 -7.83 -20.30
N CYS A 94 -33.54 -8.96 -20.76
CA CYS A 94 -33.93 -10.27 -20.25
C CYS A 94 -33.47 -10.38 -18.81
N CYS A 95 -34.14 -11.20 -18.02
CA CYS A 95 -33.62 -11.59 -16.73
C CYS A 95 -32.36 -12.39 -16.99
N THR A 96 -31.43 -12.34 -16.03
CA THR A 96 -30.13 -12.92 -16.23
C THR A 96 -30.19 -14.43 -16.46
N ASN A 97 -31.25 -15.10 -15.99
CA ASN A 97 -31.36 -16.56 -16.10
C ASN A 97 -32.28 -17.02 -17.25
N TYR A 98 -32.62 -16.11 -18.17
CA TYR A 98 -33.62 -16.34 -19.23
C TYR A 98 -33.21 -17.50 -20.14
N GLN A 99 -31.99 -17.44 -20.66
CA GLN A 99 -31.53 -18.55 -21.52
C GLN A 99 -31.49 -19.89 -20.79
N VAL A 100 -31.18 -19.89 -19.50
CA VAL A 100 -31.05 -21.13 -18.75
C VAL A 100 -32.41 -21.80 -18.60
N VAL A 101 -33.37 -21.04 -18.11
CA VAL A 101 -34.74 -21.52 -17.89
C VAL A 101 -35.50 -21.69 -19.22
N CYS A 102 -35.42 -20.71 -20.13
CA CYS A 102 -36.21 -20.71 -21.36
C CYS A 102 -35.56 -21.28 -22.62
N LYS A 103 -34.23 -21.48 -22.64
CA LYS A 103 -33.54 -22.09 -23.81
C LYS A 103 -32.59 -23.25 -23.47
N GLY A 104 -32.74 -23.84 -22.28
CA GLY A 104 -31.95 -25.00 -21.89
C GLY A 104 -30.43 -24.84 -21.80
N GLU A 105 -29.95 -23.61 -21.70
CA GLU A 105 -28.52 -23.36 -21.50
C GLU A 105 -28.14 -23.68 -20.06
N SER A 106 -26.88 -23.92 -19.81
CA SER A 106 -26.37 -24.10 -18.45
C SER A 106 -25.93 -22.75 -17.85
N HIS A 107 -25.97 -22.69 -16.51
CA HIS A 107 -25.39 -21.59 -15.78
C HIS A 107 -23.91 -21.53 -16.11
N TRP A 108 -23.40 -20.31 -16.24
CA TRP A 108 -21.95 -20.09 -16.36
C TRP A 108 -21.17 -20.91 -15.32
N VAL A 109 -21.60 -20.93 -14.07
CA VAL A 109 -20.82 -21.64 -13.04
C VAL A 109 -20.76 -23.16 -13.24
N ASP A 110 -21.70 -23.73 -14.00
CA ASP A 110 -21.69 -25.18 -14.25
C ASP A 110 -20.80 -25.64 -15.40
N ASP A 111 -20.28 -24.71 -16.21
CA ASP A 111 -19.37 -25.05 -17.30
C ASP A 111 -17.94 -25.15 -16.77
N ASP A 112 -17.10 -25.97 -17.42
CA ASP A 112 -15.70 -26.11 -17.01
C ASP A 112 -14.96 -24.87 -17.44
N CYS A 113 -13.86 -24.54 -16.76
CA CYS A 113 -12.98 -23.46 -17.21
C CYS A 113 -12.55 -23.83 -18.60
N GLU A 114 -12.62 -22.88 -19.52
CA GLU A 114 -11.92 -22.98 -20.78
C GLU A 114 -11.06 -21.73 -20.88
N GLU A 115 -9.76 -21.94 -21.17
CA GLU A 115 -8.81 -20.84 -21.25
C GLU A 115 -9.26 -19.84 -22.30
N ILE A 116 -9.20 -18.55 -21.97
CA ILE A 116 -9.61 -17.50 -22.90
C ILE A 116 -8.34 -16.93 -23.52
N LYS A 117 -7.97 -17.43 -24.68
CA LYS A 117 -6.68 -17.11 -25.28
C LYS A 117 -6.71 -15.73 -25.91
N VAL A 118 -7.84 -15.37 -26.50
CA VAL A 118 -8.03 -14.01 -27.04
C VAL A 118 -9.43 -13.59 -26.64
N PRO A 119 -9.68 -12.27 -26.62
CA PRO A 119 -11.04 -11.80 -26.40
C PRO A 119 -11.99 -12.25 -27.50
N GLU A 120 -13.20 -12.63 -27.12
CA GLU A 120 -14.26 -13.00 -28.08
C GLU A 120 -15.41 -12.05 -27.89
N CYS A 121 -15.32 -10.93 -28.59
CA CYS A 121 -16.22 -9.81 -28.46
C CYS A 121 -16.95 -9.64 -29.79
N PRO A 122 -18.12 -8.97 -29.78
CA PRO A 122 -18.75 -8.66 -31.07
C PRO A 122 -17.88 -7.71 -31.88
N ALA A 123 -18.03 -7.72 -33.20
CA ALA A 123 -17.29 -6.78 -34.04
C ALA A 123 -17.76 -5.37 -33.70
N GLY A 124 -16.90 -4.40 -33.89
CA GLY A 124 -17.22 -3.07 -33.42
C GLY A 124 -16.96 -2.82 -31.94
N PHE A 125 -16.57 -3.86 -31.17
CA PHE A 125 -15.94 -3.67 -29.83
C PHE A 125 -14.50 -3.36 -30.13
N VAL A 126 -13.99 -2.25 -29.61
CA VAL A 126 -12.59 -1.83 -29.90
C VAL A 126 -11.59 -2.19 -28.80
N ARG A 127 -12.10 -2.62 -27.65
CA ARG A 127 -11.29 -3.14 -26.60
C ARG A 127 -12.21 -3.97 -25.73
N PRO A 128 -11.67 -4.91 -24.96
CA PRO A 128 -12.50 -5.72 -24.07
C PRO A 128 -13.03 -4.87 -22.93
N PRO A 129 -14.32 -4.92 -22.60
CA PRO A 129 -14.73 -4.19 -21.40
C PRO A 129 -14.08 -4.65 -20.10
N LEU A 130 -14.05 -3.75 -19.15
CA LEU A 130 -13.65 -4.07 -17.79
C LEU A 130 -14.79 -3.80 -16.83
N ILE A 131 -15.12 -4.81 -16.04
CA ILE A 131 -16.08 -4.68 -14.97
C ILE A 131 -15.37 -4.89 -13.68
N ILE A 132 -15.39 -3.85 -12.85
CA ILE A 132 -14.83 -3.89 -11.52
C ILE A 132 -15.96 -4.22 -10.54
N PHE A 133 -15.87 -5.37 -9.92
CA PHE A 133 -16.85 -5.83 -9.00
C PHE A 133 -16.23 -5.67 -7.62
N SER A 134 -16.58 -4.60 -6.91
CA SER A 134 -15.94 -4.30 -5.66
C SER A 134 -16.84 -4.71 -4.50
N VAL A 135 -16.21 -5.29 -3.49
CA VAL A 135 -16.95 -5.84 -2.38
C VAL A 135 -16.39 -5.21 -1.14
N ASP A 136 -17.28 -4.58 -0.38
CA ASP A 136 -16.91 -3.86 0.80
C ASP A 136 -16.61 -4.83 1.93
N GLY A 137 -15.43 -4.71 2.51
CA GLY A 137 -15.10 -5.46 3.74
C GLY A 137 -14.91 -6.97 3.55
N PHE A 138 -14.53 -7.35 2.33
CA PHE A 138 -14.32 -8.74 1.98
C PHE A 138 -12.90 -9.12 2.40
N ARG A 139 -12.84 -9.75 3.54
CA ARG A 139 -11.60 -10.22 4.10
C ARG A 139 -11.03 -11.35 3.21
N ALA A 140 -9.70 -11.37 3.02
CA ALA A 140 -9.00 -12.35 2.17
C ALA A 140 -9.38 -13.78 2.54
N SER A 141 -9.41 -14.05 3.84
CA SER A 141 -9.65 -15.39 4.33
C SER A 141 -11.06 -15.91 4.06
N TYR A 142 -12.04 -15.03 3.80
CA TYR A 142 -13.36 -15.51 3.34
C TYR A 142 -13.26 -16.36 2.07
N MET A 143 -12.23 -16.23 1.25
CA MET A 143 -12.07 -17.14 0.09
C MET A 143 -11.88 -18.62 0.49
N LYS A 144 -11.38 -18.87 1.70
CA LYS A 144 -11.20 -20.23 2.21
C LYS A 144 -12.51 -21.05 2.33
N LYS A 145 -13.67 -20.41 2.24
CA LYS A 145 -14.96 -21.10 2.42
C LYS A 145 -15.45 -21.89 1.20
N GLY A 146 -14.91 -21.60 0.03
CA GLY A 146 -15.02 -22.52 -1.08
C GLY A 146 -16.32 -22.51 -1.85
N SER A 147 -16.40 -23.44 -2.79
CA SER A 147 -17.44 -23.46 -3.82
C SER A 147 -18.82 -23.87 -3.32
N LYS A 148 -18.90 -24.42 -2.11
CA LYS A 148 -20.18 -24.65 -1.47
C LYS A 148 -20.89 -23.33 -1.20
N VAL A 149 -20.19 -22.39 -0.58
CA VAL A 149 -20.76 -21.09 -0.24
C VAL A 149 -20.74 -20.15 -1.46
N MET A 150 -19.62 -20.11 -2.18
CA MET A 150 -19.41 -19.15 -3.24
C MET A 150 -18.93 -19.80 -4.54
N PRO A 151 -19.78 -20.64 -5.17
CA PRO A 151 -19.33 -21.35 -6.38
C PRO A 151 -18.91 -20.42 -7.54
N ASN A 152 -19.64 -19.35 -7.81
CA ASN A 152 -19.27 -18.42 -8.87
C ASN A 152 -17.91 -17.74 -8.63
N ILE A 153 -17.71 -17.24 -7.42
CA ILE A 153 -16.48 -16.55 -7.04
C ILE A 153 -15.32 -17.52 -7.08
N GLU A 154 -15.57 -18.73 -6.60
CA GLU A 154 -14.53 -19.76 -6.53
C GLU A 154 -14.10 -20.17 -7.94
N LYS A 155 -15.05 -20.19 -8.88
CA LYS A 155 -14.68 -20.46 -10.25
C LYS A 155 -13.87 -19.30 -10.88
N LEU A 156 -14.29 -18.05 -10.67
CA LEU A 156 -13.52 -16.88 -11.12
C LEU A 156 -12.10 -17.00 -10.61
N ARG A 157 -11.98 -17.29 -9.33
CA ARG A 157 -10.70 -17.40 -8.69
C ARG A 157 -9.86 -18.58 -9.23
N SER A 158 -10.48 -19.77 -9.37
CA SER A 158 -9.83 -20.95 -9.95
C SER A 158 -9.37 -20.73 -11.36
N CYS A 159 -10.27 -20.30 -12.24
CA CYS A 159 -9.97 -20.22 -13.67
C CYS A 159 -9.13 -19.02 -14.05
N GLY A 160 -9.20 -17.95 -13.26
CA GLY A 160 -8.53 -16.70 -13.58
C GLY A 160 -7.20 -16.61 -12.88
N THR A 161 -6.84 -15.37 -12.57
CA THR A 161 -5.63 -15.00 -11.89
C THR A 161 -6.05 -14.50 -10.52
N HIS A 162 -5.42 -14.97 -9.46
CA HIS A 162 -5.74 -14.48 -8.12
C HIS A 162 -4.47 -14.32 -7.26
N ALA A 163 -4.56 -13.45 -6.27
CA ALA A 163 -3.57 -13.34 -5.24
C ALA A 163 -4.15 -13.99 -3.96
N PRO A 164 -3.30 -14.53 -3.08
CA PRO A 164 -3.79 -14.98 -1.78
C PRO A 164 -4.43 -13.87 -0.97
N TYR A 165 -3.94 -12.64 -1.16
CA TYR A 165 -4.54 -11.47 -0.56
C TYR A 165 -4.04 -10.23 -1.28
N MET A 166 -4.75 -9.12 -1.11
CA MET A 166 -4.32 -7.82 -1.60
C MET A 166 -4.26 -6.86 -0.41
N ARG A 167 -3.18 -6.09 -0.28
CA ARG A 167 -3.02 -5.20 0.83
C ARG A 167 -3.73 -3.86 0.55
N PRO A 168 -4.62 -3.45 1.45
CA PRO A 168 -5.23 -2.13 1.35
C PRO A 168 -4.26 -0.99 1.74
N VAL A 169 -4.64 0.27 1.52
CA VAL A 169 -3.88 1.40 2.11
C VAL A 169 -4.39 1.73 3.50
N TYR A 170 -3.53 2.43 4.25
CA TYR A 170 -3.89 3.03 5.55
C TYR A 170 -4.50 4.41 5.35
N PRO A 171 -5.60 4.74 6.04
CA PRO A 171 -6.33 3.86 6.93
C PRO A 171 -7.18 2.88 6.17
N THR A 172 -7.42 1.72 6.75
CA THR A 172 -8.13 0.66 6.06
C THR A 172 -9.66 0.87 6.16
N LYS A 173 -10.09 2.01 5.62
CA LYS A 173 -11.47 2.47 5.56
C LYS A 173 -11.91 2.52 4.12
N THR A 174 -13.22 2.55 3.93
CA THR A 174 -13.83 2.42 2.64
C THR A 174 -13.44 3.50 1.64
N PHE A 175 -13.66 4.77 1.96
CA PHE A 175 -13.42 5.81 0.97
C PHE A 175 -11.95 5.98 0.58
N PRO A 176 -11.03 5.99 1.56
CA PRO A 176 -9.63 6.04 1.20
C PRO A 176 -9.21 4.89 0.30
N ASN A 177 -9.71 3.67 0.57
CA ASN A 177 -9.33 2.54 -0.27
C ASN A 177 -9.97 2.51 -1.64
N LEU A 178 -11.25 2.80 -1.75
CA LEU A 178 -11.90 2.82 -3.04
C LEU A 178 -11.30 3.88 -3.89
N TYR A 179 -11.00 5.04 -3.30
CA TYR A 179 -10.40 6.11 -4.10
C TYR A 179 -8.94 5.80 -4.49
N THR A 180 -8.27 5.05 -3.65
CA THR A 180 -6.94 4.55 -3.99
C THR A 180 -7.03 3.59 -5.17
N LEU A 181 -7.96 2.64 -5.10
CA LEU A 181 -8.19 1.73 -6.22
C LEU A 181 -8.39 2.51 -7.54
N ALA A 182 -9.19 3.59 -7.46
CA ALA A 182 -9.56 4.38 -8.61
C ALA A 182 -8.44 5.26 -9.16
N THR A 183 -7.45 5.61 -8.33
CA THR A 183 -6.43 6.59 -8.68
C THR A 183 -4.96 6.13 -8.62
N GLY A 184 -4.67 5.03 -7.96
CA GLY A 184 -3.33 4.58 -7.80
C GLY A 184 -2.55 5.39 -6.79
N LEU A 185 -3.22 6.21 -5.98
CA LEU A 185 -2.53 7.15 -5.14
C LEU A 185 -2.69 6.75 -3.68
N TYR A 186 -1.65 7.00 -2.89
CA TYR A 186 -1.82 7.00 -1.44
C TYR A 186 -2.88 8.03 -1.05
N PRO A 187 -3.64 7.75 0.00
CA PRO A 187 -4.58 8.75 0.52
C PRO A 187 -3.99 10.13 0.75
N GLU A 188 -2.75 10.23 1.24
CA GLU A 188 -2.12 11.55 1.43
C GLU A 188 -2.01 12.32 0.11
N SER A 189 -1.88 11.60 -1.01
CA SER A 189 -1.87 12.23 -2.32
C SER A 189 -3.24 12.45 -2.92
N HIS A 190 -4.17 11.52 -2.79
CA HIS A 190 -5.47 11.78 -3.42
C HIS A 190 -6.41 12.69 -2.57
N GLY A 191 -6.16 12.79 -1.26
CA GLY A 191 -6.84 13.70 -0.38
C GLY A 191 -7.92 13.12 0.51
N ILE A 192 -8.39 11.91 0.21
CA ILE A 192 -9.40 11.21 0.99
C ILE A 192 -8.66 10.36 2.00
N VAL A 193 -8.23 11.05 3.05
CA VAL A 193 -7.29 10.50 4.06
C VAL A 193 -8.10 9.82 5.15
N GLY A 194 -9.43 9.93 5.07
CA GLY A 194 -10.33 9.26 6.04
C GLY A 194 -11.77 9.24 5.56
N ASN A 195 -12.59 8.40 6.19
CA ASN A 195 -14.03 8.53 6.05
C ASN A 195 -14.53 9.89 6.60
N SER A 196 -13.83 10.44 7.60
CA SER A 196 -14.05 11.79 8.14
C SER A 196 -12.77 12.56 8.04
N MET A 197 -12.87 13.82 7.60
CA MET A 197 -11.69 14.70 7.57
C MET A 197 -12.07 16.14 7.79
N TYR A 198 -11.14 16.91 8.35
CA TYR A 198 -11.26 18.36 8.42
C TYR A 198 -10.18 18.97 7.53
N ASP A 199 -10.56 19.90 6.66
CA ASP A 199 -9.59 20.58 5.81
C ASP A 199 -9.52 22.01 6.33
N PRO A 200 -8.37 22.42 6.90
CA PRO A 200 -8.27 23.79 7.42
C PRO A 200 -8.35 24.89 6.36
N VAL A 201 -7.94 24.62 5.13
CA VAL A 201 -8.06 25.60 4.04
C VAL A 201 -9.52 25.84 3.67
N PHE A 202 -10.34 24.81 3.70
CA PHE A 202 -11.77 24.93 3.39
C PHE A 202 -12.53 25.35 4.62
N ASP A 203 -11.99 25.03 5.80
CA ASP A 203 -12.68 25.22 7.08
C ASP A 203 -13.98 24.43 7.03
N ALA A 204 -13.87 23.14 6.73
CA ALA A 204 -15.03 22.29 6.56
C ALA A 204 -14.61 20.87 6.75
N SER A 205 -15.60 20.03 6.99
CA SER A 205 -15.41 18.64 7.30
C SER A 205 -16.13 17.79 6.30
N PHE A 206 -15.50 16.71 5.92
CA PHE A 206 -16.02 15.70 5.03
C PHE A 206 -16.48 14.53 5.93
N HIS A 207 -17.67 13.99 5.66
CA HIS A 207 -18.18 12.82 6.35
C HIS A 207 -18.92 11.89 5.38
N LEU A 208 -19.04 10.63 5.78
CA LEU A 208 -19.79 9.65 5.01
C LEU A 208 -21.23 10.10 4.77
N ARG A 209 -21.88 10.57 5.82
CA ARG A 209 -23.21 11.13 5.72
C ARG A 209 -23.11 12.63 5.47
N GLY A 210 -23.94 13.15 4.58
CA GLY A 210 -24.00 14.57 4.32
C GLY A 210 -23.68 14.85 2.88
N ARG A 211 -23.86 16.11 2.50
CA ARG A 211 -23.65 16.57 1.15
C ARG A 211 -22.20 16.98 0.84
N GLU A 212 -21.42 17.22 1.89
CA GLU A 212 -20.10 17.73 1.70
C GLU A 212 -19.26 16.84 0.79
N LYS A 213 -19.40 15.53 0.94
CA LYS A 213 -18.66 14.58 0.10
C LYS A 213 -18.91 14.69 -1.42
N PHE A 214 -20.05 15.24 -1.83
CA PHE A 214 -20.34 15.45 -3.26
C PHE A 214 -19.56 16.59 -3.87
N ASN A 215 -19.04 17.48 -3.04
CA ASN A 215 -18.23 18.57 -3.54
C ASN A 215 -16.90 18.07 -4.15
N HIS A 216 -16.62 18.42 -5.38
CA HIS A 216 -15.40 17.97 -6.05
C HIS A 216 -14.09 18.43 -5.39
N ARG A 217 -14.14 19.52 -4.63
CA ARG A 217 -12.94 20.07 -3.93
C ARG A 217 -12.15 19.07 -3.10
N TRP A 218 -12.81 18.04 -2.63
CA TRP A 218 -12.16 17.07 -1.77
C TRP A 218 -11.26 16.09 -2.53
N TRP A 219 -11.57 15.85 -3.80
CA TRP A 219 -11.06 14.71 -4.53
C TRP A 219 -9.93 15.16 -5.40
N GLY A 220 -8.74 14.65 -5.12
CA GLY A 220 -7.55 14.92 -5.91
C GLY A 220 -7.25 13.77 -6.84
N GLY A 221 -6.08 13.86 -7.46
CA GLY A 221 -5.66 12.87 -8.41
C GLY A 221 -6.59 12.76 -9.61
N GLN A 222 -6.51 11.62 -10.29
CA GLN A 222 -7.31 11.42 -11.48
C GLN A 222 -7.85 10.01 -11.46
N PRO A 223 -9.13 9.87 -11.14
CA PRO A 223 -9.63 8.52 -11.03
C PRO A 223 -9.80 7.90 -12.42
N LEU A 224 -9.94 6.58 -12.42
CA LEU A 224 -10.05 5.78 -13.63
C LEU A 224 -11.12 6.25 -14.63
N TRP A 225 -12.31 6.54 -14.17
CA TRP A 225 -13.35 7.03 -15.03
C TRP A 225 -12.98 8.37 -15.71
N ILE A 226 -12.16 9.19 -15.06
CA ILE A 226 -11.71 10.44 -15.67
C ILE A 226 -10.59 10.19 -16.62
N THR A 227 -9.62 9.34 -16.23
CA THR A 227 -8.54 8.94 -17.11
C THR A 227 -9.12 8.37 -18.43
N ALA A 228 -10.14 7.53 -18.30
CA ALA A 228 -10.79 6.95 -19.46
C ALA A 228 -11.42 8.04 -20.34
N THR A 229 -12.26 8.88 -19.75
CA THR A 229 -13.01 9.93 -20.49
C THR A 229 -12.07 10.86 -21.20
N LYS A 230 -11.02 11.28 -20.52
CA LYS A 230 -9.99 12.12 -21.13
C LYS A 230 -9.28 11.50 -22.32
N GLN A 231 -9.17 10.19 -22.37
CA GLN A 231 -8.54 9.49 -23.47
C GLN A 231 -9.55 8.88 -24.45
N GLY A 232 -10.79 9.41 -24.45
CA GLY A 232 -11.85 8.96 -25.37
C GLY A 232 -12.47 7.60 -25.09
N VAL A 233 -12.39 7.10 -23.86
CA VAL A 233 -12.99 5.84 -23.48
C VAL A 233 -14.11 6.10 -22.48
N ARG A 234 -15.30 5.64 -22.82
CA ARG A 234 -16.49 5.90 -22.03
C ARG A 234 -16.56 5.04 -20.78
N ALA A 235 -16.98 5.63 -19.68
CA ALA A 235 -17.11 4.93 -18.42
C ALA A 235 -18.56 4.89 -18.01
N GLY A 236 -18.99 3.77 -17.46
CA GLY A 236 -20.26 3.71 -16.73
C GLY A 236 -20.08 4.41 -15.40
N THR A 237 -21.15 4.55 -14.66
CA THR A 237 -21.06 5.20 -13.36
C THR A 237 -20.37 4.23 -12.39
N PHE A 238 -19.57 4.78 -11.48
CA PHE A 238 -18.83 4.01 -10.50
C PHE A 238 -19.49 4.07 -9.14
N PHE A 239 -20.61 4.79 -9.04
CA PHE A 239 -21.33 4.96 -7.77
C PHE A 239 -22.81 4.67 -7.93
N TRP A 240 -23.34 3.90 -7.00
CA TRP A 240 -24.72 3.48 -7.04
C TRP A 240 -25.42 3.98 -5.77
N SER A 241 -26.56 4.66 -5.93
CA SER A 241 -27.39 5.06 -4.79
C SER A 241 -27.80 3.78 -4.09
N VAL A 242 -27.81 3.81 -2.76
CA VAL A 242 -28.01 2.61 -1.95
C VAL A 242 -29.42 2.03 -2.19
N SER A 243 -30.33 2.90 -2.62
CA SER A 243 -31.67 2.56 -3.10
C SER A 243 -31.75 1.58 -4.26
N ILE A 244 -30.71 1.50 -5.10
CA ILE A 244 -30.78 0.69 -6.29
C ILE A 244 -30.40 -0.71 -5.84
N PRO A 245 -31.33 -1.68 -5.99
CA PRO A 245 -30.97 -3.03 -5.57
C PRO A 245 -29.86 -3.59 -6.42
N HIS A 246 -29.13 -4.52 -5.83
CA HIS A 246 -28.01 -5.14 -6.48
C HIS A 246 -28.38 -5.75 -7.81
N GLU A 247 -29.53 -6.42 -7.88
CA GLU A 247 -29.98 -7.07 -9.12
C GLU A 247 -30.20 -6.07 -10.25
N ARG A 248 -30.71 -4.90 -9.90
CA ARG A 248 -30.92 -3.84 -10.87
C ARG A 248 -29.61 -3.21 -11.38
N ARG A 249 -28.62 -3.13 -10.50
CA ARG A 249 -27.29 -2.65 -10.86
C ARG A 249 -26.70 -3.57 -11.92
N ILE A 250 -26.75 -4.89 -11.67
CA ILE A 250 -26.31 -5.88 -12.66
C ILE A 250 -27.06 -5.72 -14.00
N LEU A 251 -28.38 -5.63 -13.95
CA LEU A 251 -29.17 -5.50 -15.20
C LEU A 251 -28.84 -4.23 -15.96
N THR A 252 -28.52 -3.18 -15.22
CA THR A 252 -28.19 -1.91 -15.82
C THR A 252 -26.82 -2.03 -16.51
N ILE A 253 -25.84 -2.59 -15.82
CA ILE A 253 -24.56 -2.82 -16.43
C ILE A 253 -24.71 -3.64 -17.72
N LEU A 254 -25.44 -4.74 -17.65
CA LEU A 254 -25.70 -5.58 -18.81
C LEU A 254 -26.45 -4.87 -19.94
N GLN A 255 -27.39 -4.01 -19.59
CA GLN A 255 -28.10 -3.19 -20.57
C GLN A 255 -27.18 -2.17 -21.26
N TRP A 256 -26.30 -1.55 -20.49
CA TRP A 256 -25.31 -0.63 -21.03
C TRP A 256 -24.37 -1.31 -22.00
N LEU A 257 -24.00 -2.57 -21.69
CA LEU A 257 -23.14 -3.36 -22.54
C LEU A 257 -23.76 -3.70 -23.90
N SER A 258 -25.10 -3.73 -23.95
CA SER A 258 -25.86 -3.92 -25.19
C SER A 258 -26.11 -2.64 -25.98
N LEU A 259 -25.61 -1.48 -25.49
CA LEU A 259 -25.69 -0.23 -26.25
C LEU A 259 -24.89 -0.26 -27.55
N PRO A 260 -25.25 0.62 -28.52
CA PRO A 260 -24.45 0.69 -29.74
C PRO A 260 -23.04 1.22 -29.46
N ASP A 261 -22.12 0.90 -30.37
CA ASP A 261 -20.68 1.15 -30.19
C ASP A 261 -20.38 2.60 -29.78
N ASN A 262 -21.07 3.55 -30.39
CA ASN A 262 -20.88 4.97 -30.09
C ASN A 262 -21.33 5.41 -28.70
N GLU A 263 -22.19 4.65 -28.03
CA GLU A 263 -22.67 4.99 -26.68
C GLU A 263 -22.12 4.11 -25.56
N ARG A 264 -21.65 2.91 -25.89
CA ARG A 264 -21.39 1.88 -24.91
C ARG A 264 -20.14 2.19 -24.09
N PRO A 265 -20.26 2.15 -22.75
CA PRO A 265 -19.02 2.26 -22.00
C PRO A 265 -18.12 1.04 -22.12
N SER A 266 -16.86 1.29 -21.89
CA SER A 266 -15.86 0.26 -21.83
C SER A 266 -15.49 -0.19 -20.41
N VAL A 267 -15.85 0.61 -19.40
CA VAL A 267 -15.50 0.32 -18.03
C VAL A 267 -16.71 0.58 -17.18
N TYR A 268 -16.92 -0.35 -16.26
CA TYR A 268 -18.08 -0.39 -15.38
C TYR A 268 -17.63 -0.75 -14.00
N ALA A 269 -18.39 -0.33 -13.00
CA ALA A 269 -18.18 -0.72 -11.63
C ALA A 269 -19.49 -1.09 -11.00
N PHE A 270 -19.47 -2.18 -10.25
CA PHE A 270 -20.50 -2.58 -9.32
C PHE A 270 -19.88 -2.51 -7.91
N TYR A 271 -20.68 -2.10 -6.94
CA TYR A 271 -20.26 -2.08 -5.56
C TYR A 271 -21.29 -2.80 -4.70
N SER A 272 -20.79 -3.56 -3.76
CA SER A 272 -21.62 -4.21 -2.77
C SER A 272 -21.19 -3.73 -1.41
N GLU A 273 -22.16 -3.36 -0.59
CA GLU A 273 -21.98 -2.95 0.79
C GLU A 273 -21.71 -4.16 1.68
N GLN A 274 -21.98 -5.35 1.17
CA GLN A 274 -21.66 -6.59 1.83
C GLN A 274 -20.29 -7.13 1.31
N PRO A 275 -19.55 -7.87 2.14
CA PRO A 275 -19.96 -8.35 3.46
C PRO A 275 -19.67 -7.38 4.61
N ASP A 276 -19.28 -6.14 4.31
CA ASP A 276 -18.95 -5.15 5.37
C ASP A 276 -20.05 -4.95 6.40
N PHE A 277 -21.26 -4.73 5.91
CA PHE A 277 -22.40 -4.43 6.76
C PHE A 277 -22.55 -5.53 7.78
N SER A 278 -22.64 -6.79 7.32
CA SER A 278 -22.78 -7.94 8.19
C SER A 278 -21.55 -8.14 9.06
N GLY A 279 -20.36 -7.94 8.49
CA GLY A 279 -19.13 -8.05 9.27
C GLY A 279 -19.08 -7.13 10.46
N HIS A 280 -19.63 -5.93 10.34
CA HIS A 280 -19.65 -5.00 11.44
C HIS A 280 -20.58 -5.47 12.55
N LYS A 281 -21.73 -6.01 12.18
CA LYS A 281 -22.75 -6.39 13.13
C LYS A 281 -22.41 -7.69 13.86
N TYR A 282 -21.91 -8.68 13.13
CA TYR A 282 -21.62 -10.00 13.73
C TYR A 282 -20.15 -10.33 13.91
N GLY A 283 -19.27 -9.49 13.36
CA GLY A 283 -17.85 -9.80 13.32
C GLY A 283 -17.52 -10.74 12.16
N PRO A 284 -16.23 -10.82 11.81
CA PRO A 284 -15.81 -11.55 10.61
C PRO A 284 -16.06 -13.06 10.64
N PHE A 285 -16.07 -13.68 11.82
CA PHE A 285 -16.17 -15.14 11.97
C PHE A 285 -17.57 -15.68 12.29
N GLY A 286 -18.59 -14.82 12.38
CA GLY A 286 -19.96 -15.29 12.61
C GLY A 286 -20.42 -16.37 11.61
N PRO A 287 -21.16 -17.39 12.07
CA PRO A 287 -21.90 -18.22 11.10
C PRO A 287 -22.88 -17.40 10.26
N GLU A 288 -23.34 -16.28 10.79
CA GLU A 288 -24.23 -15.36 10.07
C GLU A 288 -23.55 -14.70 8.85
N MET A 289 -22.23 -14.82 8.73
CA MET A 289 -21.50 -14.33 7.57
C MET A 289 -21.69 -15.15 6.32
N THR A 290 -22.18 -16.39 6.44
CA THR A 290 -22.34 -17.25 5.26
C THR A 290 -23.41 -16.71 4.32
N ASN A 291 -24.52 -16.24 4.86
CA ASN A 291 -25.59 -15.75 4.02
C ASN A 291 -25.22 -14.53 3.17
N PRO A 292 -24.54 -13.52 3.75
CA PRO A 292 -24.05 -12.43 2.92
C PRO A 292 -23.13 -12.89 1.80
N LEU A 293 -22.23 -13.83 2.09
CA LEU A 293 -21.31 -14.35 1.10
C LEU A 293 -22.04 -15.15 0.03
N ARG A 294 -23.04 -15.93 0.42
CA ARG A 294 -23.93 -16.57 -0.57
C ARG A 294 -24.65 -15.53 -1.44
N GLU A 295 -25.11 -14.44 -0.85
CA GLU A 295 -25.81 -13.42 -1.64
C GLU A 295 -24.83 -12.78 -2.64
N ILE A 296 -23.60 -12.47 -2.21
CA ILE A 296 -22.63 -11.85 -3.14
C ILE A 296 -22.36 -12.81 -4.29
N ASP A 297 -22.16 -14.07 -3.97
CA ASP A 297 -21.92 -15.04 -5.03
C ASP A 297 -23.08 -15.15 -6.01
N LYS A 298 -24.30 -15.10 -5.48
CA LYS A 298 -25.50 -15.11 -6.33
C LYS A 298 -25.48 -13.92 -7.31
N THR A 299 -25.11 -12.72 -6.81
CA THR A 299 -24.97 -11.55 -7.64
C THR A 299 -23.88 -11.77 -8.71
N VAL A 300 -22.74 -12.33 -8.30
CA VAL A 300 -21.69 -12.66 -9.27
C VAL A 300 -22.26 -13.63 -10.32
N GLY A 301 -23.01 -14.64 -9.87
CA GLY A 301 -23.66 -15.58 -10.77
C GLY A 301 -24.58 -14.91 -11.80
N GLN A 302 -25.31 -13.90 -11.36
CA GLN A 302 -26.21 -13.19 -12.26
C GLN A 302 -25.45 -12.42 -13.32
N LEU A 303 -24.38 -11.75 -12.93
CA LEU A 303 -23.51 -11.08 -13.89
C LEU A 303 -22.95 -12.06 -14.90
N MET A 304 -22.40 -13.16 -14.43
CA MET A 304 -21.72 -14.09 -15.33
C MET A 304 -22.74 -14.81 -16.21
N ASP A 305 -23.88 -15.17 -15.64
CA ASP A 305 -25.02 -15.64 -16.45
C ASP A 305 -25.45 -14.58 -17.46
N GLY A 306 -25.59 -13.33 -17.03
CA GLY A 306 -25.95 -12.22 -17.91
C GLY A 306 -24.94 -12.04 -19.03
N LEU A 307 -23.66 -12.11 -18.70
CA LEU A 307 -22.63 -11.98 -19.69
C LEU A 307 -22.71 -13.13 -20.67
N LYS A 308 -22.86 -14.36 -20.16
CA LYS A 308 -22.98 -15.52 -21.05
C LYS A 308 -24.16 -15.39 -22.01
N GLN A 309 -25.28 -14.86 -21.53
CA GLN A 309 -26.48 -14.60 -22.33
C GLN A 309 -26.20 -13.67 -23.51
N LEU A 310 -25.41 -12.63 -23.23
CA LEU A 310 -24.99 -11.68 -24.23
C LEU A 310 -23.77 -12.15 -25.01
N ARG A 311 -23.31 -13.38 -24.77
CA ARG A 311 -22.07 -13.88 -25.36
C ARG A 311 -20.85 -12.96 -25.13
N LEU A 312 -20.78 -12.34 -23.95
CA LEU A 312 -19.68 -11.45 -23.56
C LEU A 312 -18.81 -12.06 -22.47
N HIS A 313 -19.08 -13.32 -22.14
CA HIS A 313 -18.42 -13.98 -21.03
C HIS A 313 -17.01 -14.43 -21.32
N ARG A 314 -16.61 -14.36 -22.58
CA ARG A 314 -15.23 -14.56 -23.01
C ARG A 314 -14.64 -13.31 -23.71
N CYS A 315 -15.22 -12.17 -23.38
CA CYS A 315 -14.88 -10.87 -23.89
C CYS A 315 -14.48 -9.90 -22.76
N VAL A 316 -15.23 -9.91 -21.68
CA VAL A 316 -15.09 -8.97 -20.60
C VAL A 316 -14.03 -9.40 -19.58
N ASN A 317 -13.20 -8.45 -19.16
CA ASN A 317 -12.29 -8.64 -18.06
C ASN A 317 -13.04 -8.22 -16.83
N VAL A 318 -13.04 -9.09 -15.84
CA VAL A 318 -13.76 -8.90 -14.62
C VAL A 318 -12.73 -8.89 -13.49
N ILE A 319 -12.75 -7.84 -12.68
CA ILE A 319 -11.95 -7.74 -11.46
C ILE A 319 -12.87 -7.87 -10.25
N PHE A 320 -12.63 -8.88 -9.40
CA PHE A 320 -13.35 -9.04 -8.13
C PHE A 320 -12.34 -8.58 -7.06
N VAL A 321 -12.66 -7.48 -6.39
CA VAL A 321 -11.70 -6.79 -5.54
C VAL A 321 -12.39 -6.22 -4.30
N GLY A 322 -11.74 -6.28 -3.15
CA GLY A 322 -12.27 -5.60 -1.99
C GLY A 322 -11.49 -4.37 -1.61
N ASP A 323 -12.05 -3.58 -0.72
CA ASP A 323 -11.37 -2.41 -0.22
C ASP A 323 -10.50 -2.67 0.99
N HIS A 324 -10.93 -3.60 1.84
CA HIS A 324 -10.26 -3.92 3.09
C HIS A 324 -10.98 -5.10 3.73
N GLY A 325 -10.38 -5.64 4.79
CA GLY A 325 -10.93 -6.77 5.52
C GLY A 325 -11.79 -6.33 6.69
N MET A 326 -11.86 -7.18 7.70
CA MET A 326 -12.70 -6.96 8.85
C MET A 326 -12.12 -7.69 10.04
N GLU A 327 -12.13 -7.03 11.19
CA GLU A 327 -11.53 -7.55 12.43
C GLU A 327 -12.61 -7.67 13.51
N ASP A 328 -12.40 -8.55 14.48
N ASP A 328 -12.42 -8.57 14.47
CA ASP A 328 -13.23 -8.59 15.68
CA ASP A 328 -13.29 -8.62 15.66
C ASP A 328 -12.92 -7.39 16.56
C ASP A 328 -12.95 -7.44 16.56
N VAL A 329 -13.90 -6.50 16.68
CA VAL A 329 -13.77 -5.33 17.53
C VAL A 329 -15.12 -5.20 18.17
N THR A 330 -15.15 -5.09 19.49
CA THR A 330 -16.37 -4.86 20.26
C THR A 330 -16.18 -3.62 21.10
N CYS A 331 -17.27 -2.97 21.42
CA CYS A 331 -17.18 -1.73 22.20
C CYS A 331 -16.49 -1.91 23.56
N ASP A 332 -16.45 -3.13 24.09
CA ASP A 332 -15.73 -3.42 25.34
C ASP A 332 -14.18 -3.27 25.29
N ARG A 333 -13.60 -3.28 24.09
CA ARG A 333 -12.17 -3.04 23.91
C ARG A 333 -11.98 -1.64 23.36
N THR A 334 -12.22 -0.67 24.25
CA THR A 334 -12.07 0.73 23.95
C THR A 334 -11.18 1.39 24.99
N GLU A 335 -10.16 2.09 24.52
CA GLU A 335 -9.34 2.99 25.32
C GLU A 335 -9.94 4.39 25.29
N PHE A 336 -9.81 5.12 26.39
CA PHE A 336 -10.43 6.44 26.54
C PHE A 336 -9.38 7.49 26.80
N LEU A 337 -9.33 8.49 25.93
CA LEU A 337 -8.38 9.57 26.11
C LEU A 337 -8.50 10.29 27.45
N SER A 338 -9.72 10.34 28.01
CA SER A 338 -9.97 10.95 29.31
C SER A 338 -9.22 10.27 30.49
N ASN A 339 -8.78 9.03 30.32
CA ASN A 339 -7.83 8.39 31.24
C ASN A 339 -6.36 8.72 31.02
N TYR A 340 -6.03 9.56 30.05
CA TYR A 340 -4.68 10.02 29.82
C TYR A 340 -4.57 11.53 29.89
N LEU A 341 -5.52 12.23 29.28
CA LEU A 341 -5.46 13.67 29.13
C LEU A 341 -6.25 14.29 30.25
N THR A 342 -5.77 15.41 30.72
CA THR A 342 -6.41 16.05 31.87
C THR A 342 -7.64 16.84 31.44
N ASN A 343 -7.66 17.30 30.20
CA ASN A 343 -8.90 17.84 29.67
C ASN A 343 -9.18 17.47 28.23
N VAL A 344 -10.01 16.45 28.04
CA VAL A 344 -10.45 16.04 26.70
C VAL A 344 -11.41 16.98 25.99
N ASP A 345 -11.96 17.93 26.71
CA ASP A 345 -12.79 18.95 26.09
C ASP A 345 -12.04 19.99 25.26
N ASP A 346 -10.72 20.07 25.44
CA ASP A 346 -9.86 20.95 24.64
C ASP A 346 -9.47 20.33 23.30
N ILE A 347 -9.79 19.05 23.09
CA ILE A 347 -9.37 18.34 21.90
C ILE A 347 -10.59 17.86 21.12
N THR A 348 -10.41 17.73 19.80
CA THR A 348 -11.31 17.04 18.91
C THR A 348 -10.58 15.77 18.48
N LEU A 349 -11.28 14.66 18.59
CA LEU A 349 -10.74 13.36 18.28
C LEU A 349 -11.56 12.75 17.16
N VAL A 350 -10.90 12.38 16.08
CA VAL A 350 -11.49 11.46 15.13
C VAL A 350 -11.23 10.10 15.74
N PRO A 351 -12.30 9.37 16.15
CA PRO A 351 -12.09 8.16 16.95
C PRO A 351 -12.14 6.83 16.19
N GLY A 352 -11.86 5.74 16.89
CA GLY A 352 -12.19 4.38 16.48
C GLY A 352 -10.95 3.52 16.32
N THR A 353 -10.80 2.95 15.12
CA THR A 353 -9.68 2.07 14.80
C THR A 353 -8.40 2.85 14.43
N LEU A 354 -8.50 4.16 14.41
CA LEU A 354 -7.35 5.05 14.45
C LEU A 354 -7.74 6.26 15.28
N GLY A 355 -6.75 7.06 15.65
CA GLY A 355 -7.04 8.32 16.30
C GLY A 355 -6.40 9.48 15.59
N ARG A 356 -7.13 10.57 15.44
CA ARG A 356 -6.51 11.81 14.98
C ARG A 356 -6.96 12.87 15.91
N ILE A 357 -6.03 13.66 16.41
CA ILE A 357 -6.29 14.63 17.43
C ILE A 357 -5.85 16.00 16.94
N ARG A 358 -6.72 16.99 17.17
CA ARG A 358 -6.39 18.40 17.02
C ARG A 358 -7.11 19.20 18.09
N ALA A 359 -6.77 20.48 18.16
CA ALA A 359 -7.32 21.44 19.09
C ALA A 359 -8.78 21.70 18.80
N LYS A 360 -9.60 21.76 19.84
CA LYS A 360 -11.04 22.05 19.69
C LYS A 360 -11.31 23.43 19.06
N SER A 361 -10.88 24.51 19.72
CA SER A 361 -11.15 25.85 19.23
C SER A 361 -9.99 26.30 18.34
N TYR A 367 -4.41 23.41 25.36
CA TYR A 367 -3.97 22.52 24.30
C TYR A 367 -2.51 22.77 23.95
N ASP A 368 -1.69 21.71 23.96
CA ASP A 368 -0.29 21.81 23.52
C ASP A 368 0.25 20.44 23.08
N PRO A 369 0.69 20.31 21.80
CA PRO A 369 1.00 19.00 21.22
C PRO A 369 2.00 18.12 22.00
N LYS A 370 3.11 18.73 22.42
CA LYS A 370 4.17 17.99 23.15
C LYS A 370 3.65 17.36 24.44
N THR A 371 2.90 18.14 25.20
CA THR A 371 2.23 17.67 26.41
C THR A 371 1.27 16.52 26.12
N ILE A 372 0.51 16.64 25.03
CA ILE A 372 -0.48 15.63 24.69
C ILE A 372 0.24 14.31 24.39
N ILE A 373 1.24 14.36 23.51
CA ILE A 373 1.99 13.14 23.15
C ILE A 373 2.57 12.49 24.40
N ALA A 374 3.20 13.31 25.26
CA ALA A 374 3.77 12.80 26.52
C ALA A 374 2.71 12.11 27.38
N ALA A 375 1.56 12.76 27.58
CA ALA A 375 0.48 12.14 28.38
C ALA A 375 -0.09 10.81 27.77
N LEU A 376 0.08 10.60 26.47
CA LEU A 376 -0.41 9.36 25.82
C LEU A 376 0.64 8.27 25.67
N THR A 377 1.86 8.51 26.16
CA THR A 377 2.99 7.65 25.86
C THR A 377 3.27 6.68 27.02
N CYS A 378 3.14 5.38 26.75
CA CYS A 378 3.49 4.28 27.64
C CYS A 378 3.04 4.53 29.07
N LYS A 379 1.75 4.81 29.24
CA LYS A 379 1.16 5.15 30.53
C LYS A 379 0.49 3.98 31.20
N LYS A 380 0.08 2.95 30.46
CA LYS A 380 -0.47 1.72 31.02
C LYS A 380 0.33 0.58 30.45
N PRO A 381 0.59 -0.49 31.24
CA PRO A 381 1.33 -1.66 30.72
C PRO A 381 0.68 -2.31 29.48
N ASP A 382 -0.64 -2.42 29.49
CA ASP A 382 -1.35 -3.10 28.39
C ASP A 382 -1.83 -2.11 27.29
N GLN A 383 -1.33 -0.86 27.29
CA GLN A 383 -1.86 0.25 26.49
C GLN A 383 -2.02 -0.14 25.01
N HIS A 384 -3.27 -0.10 24.52
CA HIS A 384 -3.64 -0.61 23.19
C HIS A 384 -3.67 0.42 22.06
N PHE A 385 -2.89 1.48 22.20
CA PHE A 385 -2.62 2.38 21.12
C PHE A 385 -1.32 3.04 21.41
N LYS A 386 -0.77 3.67 20.37
CA LYS A 386 0.47 4.38 20.49
C LYS A 386 0.32 5.75 19.81
N PRO A 387 0.62 6.83 20.54
CA PRO A 387 0.67 8.14 19.88
C PRO A 387 1.88 8.33 19.00
N TYR A 388 1.71 9.06 17.92
CA TYR A 388 2.78 9.48 17.04
C TYR A 388 2.51 10.86 16.55
N MET A 389 3.54 11.70 16.47
CA MET A 389 3.49 12.80 15.54
C MET A 389 3.51 12.15 14.12
N LYS A 390 2.69 12.65 13.21
CA LYS A 390 2.46 11.96 11.92
C LYS A 390 3.76 11.69 11.13
N GLN A 391 4.70 12.61 11.23
CA GLN A 391 6.00 12.45 10.58
C GLN A 391 6.84 11.29 11.14
N HIS A 392 6.51 10.83 12.34
CA HIS A 392 7.17 9.66 12.97
C HIS A 392 6.43 8.34 12.76
N LEU A 393 5.25 8.37 12.14
CA LEU A 393 4.58 7.13 11.76
C LEU A 393 5.49 6.33 10.83
N PRO A 394 5.38 4.98 10.83
CA PRO A 394 6.09 4.15 9.87
C PRO A 394 5.93 4.67 8.49
N LYS A 395 7.03 4.77 7.78
CA LYS A 395 7.04 5.39 6.47
C LYS A 395 6.20 4.58 5.49
N ARG A 396 6.14 3.26 5.67
CA ARG A 396 5.33 2.36 4.83
C ARG A 396 3.84 2.72 4.76
N LEU A 397 3.31 3.40 5.78
CA LEU A 397 1.95 3.94 5.81
C LEU A 397 1.69 5.09 4.87
N HIS A 398 2.75 5.84 4.57
CA HIS A 398 2.71 7.01 3.69
C HIS A 398 1.58 7.93 4.10
N TYR A 399 1.52 8.24 5.38
CA TYR A 399 0.33 8.93 5.94
C TYR A 399 0.73 10.16 6.76
N ALA A 400 1.21 11.17 6.07
CA ALA A 400 1.66 12.39 6.67
C ALA A 400 1.47 13.67 5.82
N ASN A 401 1.76 13.55 4.52
CA ASN A 401 1.86 14.72 3.65
C ASN A 401 0.52 15.17 3.11
N ASN A 402 -0.35 15.59 4.01
CA ASN A 402 -1.59 16.23 3.63
C ASN A 402 -2.04 17.11 4.78
N ARG A 403 -2.56 18.30 4.47
CA ARG A 403 -3.03 19.20 5.52
C ARG A 403 -4.26 18.66 6.26
N ARG A 404 -4.92 17.63 5.72
CA ARG A 404 -6.05 17.00 6.37
C ARG A 404 -5.66 15.98 7.40
N ILE A 405 -4.39 15.61 7.49
CA ILE A 405 -3.97 14.63 8.46
C ILE A 405 -3.42 15.40 9.63
N GLU A 406 -4.07 15.25 10.78
CA GLU A 406 -3.67 15.95 11.99
C GLU A 406 -2.27 15.53 12.40
N ASP A 407 -1.54 16.47 12.98
CA ASP A 407 -0.19 16.23 13.47
C ASP A 407 -0.17 15.05 14.45
N ILE A 408 -1.17 14.97 15.30
CA ILE A 408 -1.17 13.93 16.32
C ILE A 408 -1.98 12.75 15.82
N HIS A 409 -1.39 11.58 15.84
CA HIS A 409 -2.02 10.38 15.33
C HIS A 409 -1.91 9.25 16.35
N LEU A 410 -2.95 8.41 16.45
CA LEU A 410 -2.92 7.24 17.31
C LEU A 410 -3.09 5.99 16.47
N LEU A 411 -2.07 5.11 16.52
CA LEU A 411 -2.16 3.79 15.91
C LEU A 411 -2.82 2.89 16.90
N VAL A 412 -3.99 2.36 16.55
CA VAL A 412 -4.78 1.56 17.52
C VAL A 412 -4.44 0.08 17.30
N ASP A 413 -4.18 -0.66 18.38
CA ASP A 413 -3.96 -2.11 18.25
C ASP A 413 -5.17 -2.75 17.58
N ARG A 414 -4.92 -3.74 16.73
CA ARG A 414 -5.98 -4.56 16.17
C ARG A 414 -6.90 -5.06 17.33
N ARG A 415 -8.20 -5.13 17.05
CA ARG A 415 -9.26 -5.58 17.96
C ARG A 415 -9.78 -4.50 18.91
N TRP A 416 -9.23 -3.29 18.81
CA TRP A 416 -9.48 -2.21 19.76
C TRP A 416 -9.98 -0.94 19.07
N HIS A 417 -10.59 -0.07 19.90
CA HIS A 417 -10.98 1.27 19.54
C HIS A 417 -10.39 2.27 20.51
N VAL A 418 -10.28 3.51 20.06
CA VAL A 418 -9.97 4.63 20.93
CA VAL A 418 -9.94 4.64 20.90
C VAL A 418 -11.11 5.60 20.81
N ALA A 419 -11.47 6.19 21.96
CA ALA A 419 -12.53 7.14 22.02
C ALA A 419 -12.16 8.22 23.06
N ARG A 420 -12.92 9.28 23.07
CA ARG A 420 -12.58 10.44 23.87
C ARG A 420 -12.91 10.18 25.35
N LYS A 421 -14.08 9.67 25.62
CA LYS A 421 -14.45 9.38 26.99
C LYS A 421 -15.44 8.23 27.09
N PRO A 422 -15.53 7.57 28.27
CA PRO A 422 -16.39 6.41 28.49
C PRO A 422 -17.79 6.56 27.93
N LEU A 423 -18.35 7.77 28.01
CA LEU A 423 -19.70 8.01 27.54
C LEU A 423 -19.86 7.85 26.05
N ASP A 424 -18.77 7.92 25.28
CA ASP A 424 -18.86 7.76 23.83
C ASP A 424 -19.08 6.31 23.35
N VAL A 425 -18.90 5.30 24.21
CA VAL A 425 -19.27 3.93 23.83
C VAL A 425 -20.77 3.73 24.13
N TYR A 426 -21.50 3.19 23.14
CA TYR A 426 -22.93 2.88 23.28
C TYR A 426 -23.13 1.36 23.24
N LYS A 427 -24.01 0.87 24.11
CA LYS A 427 -24.32 -0.56 24.23
C LYS A 427 -25.78 -0.83 23.87
N CYS A 433 -23.03 -4.48 23.00
CA CYS A 433 -22.42 -3.70 21.90
C CYS A 433 -23.24 -3.79 20.61
N PHE A 434 -23.19 -2.72 19.83
CA PHE A 434 -23.90 -2.64 18.55
C PHE A 434 -23.10 -3.25 17.40
N PHE A 435 -21.80 -3.34 17.57
CA PHE A 435 -20.91 -3.82 16.51
C PHE A 435 -19.98 -4.86 17.09
N GLN A 436 -19.63 -5.83 16.26
CA GLN A 436 -18.64 -6.82 16.62
C GLN A 436 -17.48 -6.92 15.68
N GLY A 437 -17.49 -6.11 14.63
CA GLY A 437 -16.39 -6.07 13.68
C GLY A 437 -16.11 -4.63 13.28
N ASP A 438 -14.86 -4.36 12.92
CA ASP A 438 -14.52 -3.05 12.41
C ASP A 438 -13.19 -3.18 11.66
N HIS A 439 -12.75 -2.09 11.06
CA HIS A 439 -11.57 -2.05 10.24
C HIS A 439 -11.09 -0.61 10.23
N GLY A 440 -9.89 -0.39 9.72
CA GLY A 440 -9.25 0.94 9.78
C GLY A 440 -7.82 0.86 10.27
N PHE A 441 -7.46 -0.29 10.87
CA PHE A 441 -6.13 -0.52 11.43
C PHE A 441 -5.05 -0.50 10.40
N ASP A 442 -3.83 -0.41 10.91
CA ASP A 442 -2.59 -0.57 10.19
C ASP A 442 -2.77 -1.58 9.07
N ASN A 443 -2.35 -1.21 7.87
CA ASN A 443 -2.63 -2.04 6.71
C ASN A 443 -1.81 -3.30 6.59
N LYS A 444 -0.86 -3.57 7.49
CA LYS A 444 -0.16 -4.85 7.47
C LYS A 444 -0.83 -5.94 8.31
N VAL A 445 -1.83 -5.54 9.09
CA VAL A 445 -2.60 -6.44 9.93
C VAL A 445 -3.36 -7.46 9.06
N ASN A 446 -3.20 -8.75 9.38
CA ASN A 446 -3.82 -9.85 8.61
C ASN A 446 -5.29 -9.66 8.28
N SER A 447 -6.03 -9.34 9.32
CA SER A 447 -7.47 -9.20 9.22
C SER A 447 -7.93 -8.06 8.28
N MET A 448 -7.02 -7.11 8.01
CA MET A 448 -7.30 -6.01 7.09
C MET A 448 -7.07 -6.39 5.65
N GLN A 449 -6.48 -7.55 5.37
CA GLN A 449 -6.18 -7.87 3.95
C GLN A 449 -7.47 -8.23 3.24
N THR A 450 -7.48 -7.98 1.94
CA THR A 450 -8.69 -8.19 1.17
C THR A 450 -8.37 -9.03 -0.08
N VAL A 451 -9.29 -9.07 -1.05
CA VAL A 451 -9.15 -9.98 -2.18
C VAL A 451 -8.88 -9.35 -3.51
N PHE A 452 -8.26 -10.16 -4.36
CA PHE A 452 -8.12 -9.85 -5.74
C PHE A 452 -8.28 -11.08 -6.59
N VAL A 453 -9.17 -11.01 -7.57
CA VAL A 453 -9.29 -11.97 -8.67
C VAL A 453 -9.46 -11.16 -9.94
N GLY A 454 -8.76 -11.60 -10.98
CA GLY A 454 -8.88 -11.07 -12.32
C GLY A 454 -9.28 -12.24 -13.18
N TYR A 455 -10.32 -12.04 -13.98
CA TYR A 455 -10.79 -13.08 -14.89
C TYR A 455 -11.15 -12.48 -16.23
N GLY A 456 -10.66 -13.10 -17.29
CA GLY A 456 -10.99 -12.67 -18.62
C GLY A 456 -9.84 -12.87 -19.57
N PRO A 457 -10.01 -12.43 -20.83
CA PRO A 457 -9.03 -12.65 -21.87
C PRO A 457 -7.65 -12.09 -21.56
N THR A 458 -7.58 -10.94 -20.88
CA THR A 458 -6.32 -10.28 -20.68
C THR A 458 -5.55 -10.80 -19.47
N PHE A 459 -6.27 -11.37 -18.49
CA PHE A 459 -5.66 -11.98 -17.32
C PHE A 459 -5.15 -13.36 -17.65
N LYS A 460 -4.19 -13.85 -16.87
CA LYS A 460 -3.69 -15.19 -17.06
C LYS A 460 -4.73 -16.22 -16.68
N TYR A 461 -4.53 -17.43 -17.17
CA TYR A 461 -5.39 -18.58 -16.90
C TYR A 461 -4.84 -19.40 -15.73
N ARG A 462 -5.70 -19.76 -14.76
CA ARG A 462 -5.36 -20.62 -13.59
C ARG A 462 -4.04 -20.25 -12.98
N THR A 463 -3.90 -18.98 -12.61
CA THR A 463 -2.63 -18.45 -12.16
C THR A 463 -2.76 -17.78 -10.82
N LYS A 464 -1.80 -18.10 -9.97
CA LYS A 464 -1.64 -17.51 -8.65
C LYS A 464 -0.50 -16.56 -8.76
N VAL A 465 -0.65 -15.40 -8.16
CA VAL A 465 0.35 -14.39 -8.16
C VAL A 465 0.57 -13.98 -6.71
N PRO A 466 1.76 -13.47 -6.38
CA PRO A 466 1.99 -13.06 -4.99
C PRO A 466 1.08 -11.92 -4.52
N PRO A 467 0.89 -11.79 -3.20
CA PRO A 467 0.12 -10.64 -2.73
C PRO A 467 0.72 -9.32 -3.15
N PHE A 468 -0.11 -8.32 -3.36
CA PHE A 468 0.36 -7.01 -3.79
C PHE A 468 -0.54 -5.96 -3.21
N GLU A 469 -0.14 -4.72 -3.34
CA GLU A 469 -0.85 -3.59 -2.74
C GLU A 469 -1.86 -2.99 -3.72
N ASN A 470 -3.00 -2.52 -3.20
CA ASN A 470 -4.07 -2.00 -4.06
C ASN A 470 -3.70 -0.74 -4.86
N ILE A 471 -2.66 -0.02 -4.42
CA ILE A 471 -2.11 1.12 -5.17
C ILE A 471 -1.61 0.74 -6.56
N GLU A 472 -1.32 -0.54 -6.77
CA GLU A 472 -0.80 -1.04 -8.03
C GLU A 472 -1.91 -1.27 -9.07
N LEU A 473 -3.16 -1.37 -8.64
CA LEU A 473 -4.22 -1.80 -9.56
C LEU A 473 -4.56 -0.80 -10.61
N TYR A 474 -4.47 0.50 -10.29
CA TYR A 474 -4.87 1.54 -11.24
C TYR A 474 -4.10 1.41 -12.55
N ASN A 475 -2.78 1.21 -12.46
CA ASN A 475 -1.94 0.97 -13.64
C ASN A 475 -2.42 -0.23 -14.47
N VAL A 476 -2.80 -1.30 -13.79
CA VAL A 476 -3.28 -2.50 -14.43
C VAL A 476 -4.60 -2.24 -15.16
N MET A 477 -5.52 -1.59 -14.45
CA MET A 477 -6.79 -1.19 -15.06
C MET A 477 -6.61 -0.32 -16.29
N CYS A 478 -5.72 0.65 -16.21
CA CYS A 478 -5.31 1.41 -17.39
C CYS A 478 -4.74 0.52 -18.50
N ASP A 479 -3.86 -0.40 -18.15
CA ASP A 479 -3.33 -1.33 -19.14
C ASP A 479 -4.45 -2.14 -19.79
N LEU A 480 -5.35 -2.67 -18.97
CA LEU A 480 -6.49 -3.43 -19.45
C LEU A 480 -7.37 -2.65 -20.39
N LEU A 481 -7.38 -1.33 -20.27
CA LEU A 481 -8.24 -0.47 -21.09
C LEU A 481 -7.51 0.28 -22.20
N GLY A 482 -6.20 0.05 -22.35
CA GLY A 482 -5.38 0.77 -23.32
C GLY A 482 -5.18 2.24 -22.98
N LEU A 483 -5.18 2.58 -21.68
CA LEU A 483 -5.10 3.96 -21.23
C LEU A 483 -3.73 4.27 -20.70
N LYS A 484 -3.27 5.50 -20.90
CA LYS A 484 -2.06 5.98 -20.18
C LYS A 484 -2.41 6.40 -18.72
N PRO A 485 -1.87 5.69 -17.72
CA PRO A 485 -2.15 6.09 -16.33
C PRO A 485 -1.70 7.49 -16.05
N ALA A 486 -2.48 8.24 -15.29
CA ALA A 486 -2.00 9.49 -14.74
C ALA A 486 -0.92 9.15 -13.69
N PRO A 487 -0.03 10.10 -13.40
CA PRO A 487 1.04 9.75 -12.44
C PRO A 487 0.47 9.28 -11.10
N ASN A 488 1.03 8.20 -10.57
CA ASN A 488 0.48 7.59 -9.38
C ASN A 488 1.59 6.83 -8.61
N ASN A 489 1.22 6.10 -7.57
CA ASN A 489 2.17 5.50 -6.66
C ASN A 489 2.38 4.04 -6.88
N GLY A 490 1.65 3.45 -7.83
CA GLY A 490 2.00 2.14 -8.32
C GLY A 490 3.39 2.14 -8.96
N THR A 491 3.90 0.95 -9.18
CA THR A 491 5.20 0.81 -9.82
C THR A 491 4.78 0.09 -11.09
N HIS A 492 4.71 0.87 -12.16
CA HIS A 492 4.11 0.38 -13.39
C HIS A 492 5.03 -0.70 -13.97
N GLY A 493 4.50 -1.90 -14.19
CA GLY A 493 5.31 -3.06 -14.52
C GLY A 493 5.38 -4.07 -13.41
N SER A 494 5.19 -3.66 -12.16
CA SER A 494 5.34 -4.59 -11.05
C SER A 494 4.26 -5.68 -11.08
N LEU A 495 3.12 -5.43 -11.72
CA LEU A 495 2.06 -6.45 -11.89
C LEU A 495 1.91 -6.99 -13.31
N ASN A 496 2.91 -6.85 -14.16
CA ASN A 496 2.87 -7.47 -15.49
C ASN A 496 2.60 -8.99 -15.47
N HIS A 497 3.11 -9.67 -14.46
CA HIS A 497 2.91 -11.10 -14.31
C HIS A 497 1.43 -11.53 -14.02
N LEU A 498 0.48 -10.59 -13.87
CA LEU A 498 -0.95 -10.91 -13.80
C LEU A 498 -1.57 -11.14 -15.18
N LEU A 499 -0.93 -10.61 -16.23
CA LEU A 499 -1.57 -10.45 -17.52
C LEU A 499 -1.00 -11.38 -18.57
N ARG A 500 -1.88 -11.92 -19.39
CA ARG A 500 -1.51 -12.69 -20.56
C ARG A 500 -0.80 -11.79 -21.56
N THR A 501 -1.27 -10.55 -21.73
CA THR A 501 -0.71 -9.63 -22.71
C THR A 501 -0.39 -8.35 -22.01
N ASN A 502 0.85 -7.86 -22.23
CA ASN A 502 1.31 -6.56 -21.72
C ASN A 502 1.53 -5.51 -22.80
N THR A 503 0.76 -4.43 -22.66
CA THR A 503 0.92 -3.20 -23.42
C THR A 503 1.89 -2.21 -22.73
N PHE A 504 2.54 -2.62 -21.64
CA PHE A 504 3.54 -1.78 -20.94
C PHE A 504 4.79 -2.54 -20.52
N ARG A 505 5.93 -2.13 -21.08
CA ARG A 505 7.23 -2.67 -20.75
C ARG A 505 7.98 -1.61 -19.99
N PRO A 506 8.36 -1.91 -18.74
CA PRO A 506 9.08 -0.91 -17.98
C PRO A 506 10.51 -0.80 -18.47
N THR A 507 11.10 0.36 -18.26
CA THR A 507 12.49 0.59 -18.61
C THR A 507 13.21 1.12 -17.37
N MET A 508 14.39 0.57 -17.13
CA MET A 508 15.22 0.95 -16.02
C MET A 508 15.59 2.43 -16.15
N PRO A 509 15.43 3.25 -15.10
CA PRO A 509 15.80 4.69 -15.23
C PRO A 509 17.30 4.88 -15.51
N ASP A 510 17.67 5.97 -16.16
CA ASP A 510 19.09 6.19 -16.47
C ASP A 510 19.77 6.74 -15.23
N GLU A 511 21.02 6.35 -14.99
CA GLU A 511 21.82 7.02 -13.95
C GLU A 511 21.94 8.48 -14.34
N VAL A 512 21.86 9.36 -13.37
CA VAL A 512 21.99 10.79 -13.58
C VAL A 512 23.41 11.22 -13.19
N SER A 513 23.94 10.67 -12.11
CA SER A 513 25.28 10.97 -11.65
C SER A 513 26.15 9.76 -11.78
N ARG A 514 27.33 9.97 -12.37
CA ARG A 514 28.34 8.95 -12.51
C ARG A 514 29.20 9.08 -11.28
N PRO A 515 29.65 7.96 -10.75
CA PRO A 515 30.51 8.03 -9.59
C PRO A 515 31.94 8.43 -9.95
N ASN A 516 32.68 8.90 -8.96
CA ASN A 516 34.14 9.02 -9.02
C ASN A 516 34.72 7.88 -8.23
N TYR A 517 35.95 7.51 -8.58
CA TYR A 517 36.66 6.40 -7.95
C TYR A 517 37.99 6.92 -7.44
N PRO A 518 37.96 7.71 -6.36
CA PRO A 518 39.22 8.32 -5.90
C PRO A 518 40.22 7.30 -5.39
N GLY A 519 41.48 7.55 -5.74
CA GLY A 519 42.63 6.87 -5.17
C GLY A 519 43.15 7.67 -3.99
N ILE A 520 44.33 7.28 -3.53
CA ILE A 520 44.98 7.94 -2.41
C ILE A 520 45.52 9.25 -2.95
N MET A 521 45.06 10.37 -2.40
CA MET A 521 45.55 11.69 -2.85
C MET A 521 45.59 12.79 -1.78
N TYR A 522 45.55 12.42 -0.50
CA TYR A 522 45.76 13.35 0.60
C TYR A 522 46.55 12.61 1.65
N LEU A 523 47.38 13.32 2.42
CA LEU A 523 48.18 12.69 3.49
C LEU A 523 47.48 12.83 4.84
N GLN A 524 47.74 11.90 5.78
CA GLN A 524 47.26 12.01 7.19
C GLN A 524 47.36 13.45 7.73
N SER A 525 48.56 14.04 7.63
CA SER A 525 48.88 15.36 8.18
C SER A 525 48.09 16.52 7.57
N GLU A 526 47.49 16.34 6.41
CA GLU A 526 46.63 17.36 5.81
C GLU A 526 45.25 17.48 6.47
N PHE A 527 44.90 16.55 7.37
CA PHE A 527 43.56 16.51 7.98
C PHE A 527 43.53 17.19 9.33
N ASP A 528 42.49 17.99 9.53
CA ASP A 528 42.33 18.86 10.70
C ASP A 528 40.92 18.64 11.26
N LEU A 529 40.49 17.37 11.27
CA LEU A 529 39.10 16.99 11.57
C LEU A 529 38.82 16.89 13.06
N GLY A 530 39.85 17.04 13.90
CA GLY A 530 39.70 16.88 15.34
C GLY A 530 39.51 15.44 15.75
N CYS A 531 39.78 14.52 14.83
CA CYS A 531 39.57 13.08 15.08
C CYS A 531 40.83 12.49 15.63
N THR A 532 40.67 11.32 16.20
CA THR A 532 41.71 10.65 16.93
C THR A 532 41.52 9.12 16.80
N CYS A 533 42.60 8.38 16.62
CA CYS A 533 42.54 6.93 16.63
C CYS A 533 43.87 6.31 17.05
N ASP A 534 43.80 5.30 17.91
CA ASP A 534 44.97 4.50 18.30
C ASP A 534 45.35 3.42 17.24
N ASP A 535 45.97 3.85 16.13
CA ASP A 535 46.31 2.95 14.97
C ASP A 535 47.74 3.13 14.45
N GLY A 554 40.40 -5.54 -5.43
CA GLY A 554 39.24 -5.12 -6.21
C GLY A 554 38.19 -6.20 -6.50
N SER A 555 38.31 -7.39 -5.87
CA SER A 555 37.18 -8.34 -5.76
C SER A 555 36.16 -7.98 -4.65
N THR A 556 36.31 -6.78 -4.06
CA THR A 556 35.28 -6.15 -3.24
C THR A 556 33.91 -6.19 -3.93
N LYS A 557 33.89 -5.78 -5.20
CA LYS A 557 32.67 -5.81 -6.03
C LYS A 557 32.03 -7.19 -6.17
N GLU A 558 32.79 -8.22 -6.53
CA GLU A 558 32.27 -9.59 -6.54
C GLU A 558 31.61 -9.98 -5.21
N ARG A 559 32.29 -9.71 -4.10
CA ARG A 559 31.82 -10.15 -2.77
C ARG A 559 30.70 -9.28 -2.16
N HIS A 560 30.80 -7.97 -2.27
CA HIS A 560 29.98 -7.07 -1.45
C HIS A 560 28.88 -6.34 -2.16
N LEU A 561 28.96 -6.28 -3.49
CA LEU A 561 27.95 -5.58 -4.32
C LEU A 561 27.36 -6.59 -5.32
N LEU A 562 26.42 -7.36 -4.83
CA LEU A 562 25.94 -8.52 -5.55
C LEU A 562 25.00 -8.18 -6.70
N TYR A 563 24.36 -7.01 -6.69
CA TYR A 563 23.29 -6.71 -7.66
C TYR A 563 23.58 -5.47 -8.41
N GLY A 564 24.86 -5.15 -8.48
CA GLY A 564 25.34 -3.96 -9.14
C GLY A 564 25.29 -2.77 -8.23
N ARG A 565 26.05 -1.76 -8.61
CA ARG A 565 25.98 -0.46 -7.98
C ARG A 565 24.57 0.14 -8.05
N PRO A 566 24.07 0.71 -6.94
CA PRO A 566 22.85 1.49 -7.03
C PRO A 566 23.05 2.72 -7.94
N ALA A 567 22.09 2.99 -8.84
CA ALA A 567 22.13 4.22 -9.66
C ALA A 567 21.66 5.40 -8.84
N VAL A 568 22.40 6.50 -8.90
CA VAL A 568 21.99 7.76 -8.29
C VAL A 568 21.12 8.46 -9.36
N LEU A 569 19.87 8.79 -9.02
CA LEU A 569 18.92 9.37 -9.98
C LEU A 569 18.69 10.87 -9.81
N TYR A 570 19.65 11.55 -9.18
CA TYR A 570 19.64 12.99 -9.04
C TYR A 570 21.07 13.47 -9.21
N ARG A 571 21.23 14.77 -9.46
CA ARG A 571 22.55 15.36 -9.74
C ARG A 571 23.30 15.59 -8.45
N THR A 572 24.47 14.98 -8.34
CA THR A 572 25.27 15.11 -7.14
C THR A 572 26.68 14.65 -7.44
N SER A 573 27.51 14.71 -6.43
CA SER A 573 28.89 14.32 -6.55
C SER A 573 29.13 13.32 -5.47
N TYR A 574 29.59 12.13 -5.86
CA TYR A 574 29.82 11.08 -4.90
C TYR A 574 30.96 10.18 -5.34
N ASP A 575 31.51 9.43 -4.38
CA ASP A 575 32.71 8.64 -4.58
C ASP A 575 32.42 7.20 -4.30
N ILE A 576 32.89 6.30 -5.12
CA ILE A 576 32.86 4.85 -4.79
C ILE A 576 34.09 4.56 -3.99
N LEU A 577 33.88 3.95 -2.84
CA LEU A 577 34.97 3.62 -1.97
C LEU A 577 34.91 2.14 -1.74
N TYR A 578 36.05 1.50 -1.97
CA TYR A 578 36.21 0.06 -1.81
C TYR A 578 36.99 -0.24 -0.55
N HIS A 579 36.63 -1.33 0.13
CA HIS A 579 37.38 -1.87 1.21
C HIS A 579 37.24 -3.39 1.17
N THR A 580 38.01 -4.07 2.00
CA THR A 580 37.92 -5.53 2.09
C THR A 580 36.51 -6.03 2.35
N ASP A 581 35.81 -5.37 3.27
CA ASP A 581 34.59 -5.87 3.85
C ASP A 581 33.31 -5.22 3.37
N PHE A 582 33.44 -4.13 2.61
CA PHE A 582 32.30 -3.33 2.22
C PHE A 582 32.68 -2.34 1.14
N GLU A 583 31.68 -1.98 0.35
CA GLU A 583 31.79 -0.91 -0.62
C GLU A 583 30.77 0.15 -0.26
N SER A 584 31.08 1.41 -0.60
CA SER A 584 30.16 2.49 -0.33
C SER A 584 30.17 3.54 -1.43
N GLY A 585 29.07 4.28 -1.46
CA GLY A 585 28.89 5.39 -2.37
C GLY A 585 28.80 6.63 -1.49
N TYR A 586 29.93 7.36 -1.41
CA TYR A 586 30.13 8.43 -0.45
C TYR A 586 29.79 9.81 -1.02
N SER A 587 28.79 10.49 -0.44
CA SER A 587 28.33 11.76 -0.94
C SER A 587 29.17 12.90 -0.42
N GLU A 588 29.83 13.58 -1.34
CA GLU A 588 30.55 14.80 -1.00
C GLU A 588 29.63 15.92 -0.61
N ILE A 589 28.36 15.86 -0.99
CA ILE A 589 27.42 16.90 -0.63
C ILE A 589 26.91 16.70 0.81
N PHE A 590 26.50 15.49 1.15
CA PHE A 590 25.97 15.20 2.48
C PHE A 590 27.06 14.73 3.46
N LEU A 591 28.29 14.57 2.97
CA LEU A 591 29.44 14.20 3.80
C LEU A 591 29.29 12.80 4.46
N MET A 592 28.59 11.91 3.78
CA MET A 592 28.41 10.55 4.30
C MET A 592 27.96 9.62 3.18
N PRO A 593 27.93 8.30 3.44
CA PRO A 593 27.51 7.43 2.35
C PRO A 593 26.03 7.61 2.06
N LEU A 594 25.68 7.55 0.78
CA LEU A 594 24.31 7.37 0.35
C LEU A 594 23.91 5.93 0.55
N TRP A 595 24.88 5.04 0.35
CA TRP A 595 24.70 3.64 0.58
C TRP A 595 26.03 2.99 0.93
N THR A 596 25.93 1.91 1.70
CA THR A 596 27.03 1.04 2.04
C THR A 596 26.58 -0.40 1.89
N SER A 597 27.35 -1.18 1.15
CA SER A 597 26.98 -2.52 0.73
C SER A 597 27.97 -3.52 1.22
N TYR A 598 27.47 -4.61 1.79
CA TYR A 598 28.35 -5.68 2.23
C TYR A 598 27.61 -6.96 2.42
N THR A 599 28.37 -8.06 2.35
CA THR A 599 27.84 -9.40 2.33
C THR A 599 28.39 -10.10 3.54
N ILE A 600 27.51 -10.71 4.33
CA ILE A 600 27.83 -11.46 5.53
C ILE A 600 27.42 -12.88 5.28
N SER A 601 28.37 -13.80 5.33
CA SER A 601 28.08 -15.21 5.07
C SER A 601 27.43 -15.85 6.31
N LYS A 602 26.75 -16.97 6.09
CA LYS A 602 26.21 -17.78 7.19
C LYS A 602 27.21 -18.01 8.34
N GLN A 603 28.48 -18.24 7.97
CA GLN A 603 29.55 -18.61 8.88
C GLN A 603 30.30 -17.40 9.43
N ALA A 604 29.83 -16.17 9.18
CA ALA A 604 30.58 -14.98 9.59
C ALA A 604 30.66 -14.88 11.10
N GLU A 605 31.78 -14.32 11.54
CA GLU A 605 32.14 -14.25 12.93
C GLU A 605 31.94 -12.81 13.38
N VAL A 606 31.26 -12.67 14.52
CA VAL A 606 31.01 -11.39 15.18
C VAL A 606 32.14 -11.21 16.18
N SER A 607 32.74 -10.03 16.19
CA SER A 607 33.77 -9.68 17.14
C SER A 607 33.40 -8.34 17.75
N SER A 608 34.09 -7.98 18.84
CA SER A 608 33.80 -6.77 19.56
C SER A 608 34.54 -5.59 18.93
N ILE A 609 34.19 -4.39 19.37
CA ILE A 609 35.03 -3.21 19.12
C ILE A 609 36.08 -3.23 20.26
N PRO A 610 37.36 -3.48 19.94
CA PRO A 610 38.33 -3.53 21.05
C PRO A 610 38.41 -2.18 21.77
N GLU A 611 38.78 -2.21 23.04
CA GLU A 611 38.74 -1.02 23.87
C GLU A 611 39.55 0.11 23.27
N HIS A 612 40.73 -0.22 22.74
CA HIS A 612 41.67 0.79 22.24
C HIS A 612 41.15 1.53 21.02
N LEU A 613 40.12 0.98 20.36
CA LEU A 613 39.43 1.61 19.23
C LEU A 613 38.03 2.18 19.53
N THR A 614 37.55 2.07 20.77
CA THR A 614 36.23 2.57 21.16
C THR A 614 35.87 3.94 20.51
N ASN A 615 36.77 4.91 20.67
CA ASN A 615 36.55 6.26 20.14
C ASN A 615 37.36 6.56 18.86
N CYS A 616 37.78 5.52 18.15
CA CYS A 616 38.56 5.66 16.93
C CYS A 616 37.75 6.20 15.74
N VAL A 617 38.22 7.28 15.14
CA VAL A 617 37.78 7.71 13.81
C VAL A 617 39.05 8.08 13.04
N ARG A 618 39.17 7.58 11.83
CA ARG A 618 40.37 7.78 11.04
C ARG A 618 40.04 8.59 9.82
N PRO A 619 40.92 9.55 9.42
CA PRO A 619 40.64 10.25 8.16
C PRO A 619 40.76 9.33 6.96
N ASP A 620 39.96 9.57 5.93
CA ASP A 620 40.01 8.77 4.73
C ASP A 620 40.83 9.54 3.70
N VAL A 621 41.97 8.96 3.35
CA VAL A 621 42.90 9.62 2.44
C VAL A 621 42.44 9.69 0.98
N ARG A 622 41.34 9.00 0.59
CA ARG A 622 40.78 9.18 -0.76
C ARG A 622 39.88 10.40 -0.88
N VAL A 623 39.50 10.99 0.25
CA VAL A 623 38.50 12.06 0.26
C VAL A 623 39.07 13.27 0.99
N SER A 624 38.90 14.43 0.36
CA SER A 624 39.33 15.71 0.89
C SER A 624 38.89 15.96 2.32
N PRO A 625 39.75 16.63 3.13
CA PRO A 625 39.35 17.23 4.40
C PRO A 625 38.07 18.08 4.29
N GLY A 626 37.97 18.85 3.21
CA GLY A 626 36.81 19.71 2.96
C GLY A 626 35.53 19.00 2.65
N PHE A 627 35.57 17.71 2.29
CA PHE A 627 34.35 16.88 2.03
C PHE A 627 34.21 15.73 3.00
N SER A 628 34.75 15.92 4.20
CA SER A 628 34.70 14.94 5.26
C SER A 628 34.00 15.59 6.43
N GLN A 629 33.42 14.76 7.28
CA GLN A 629 32.92 15.19 8.56
C GLN A 629 34.12 15.44 9.45
N ASN A 630 33.88 16.12 10.55
CA ASN A 630 34.92 16.32 11.52
C ASN A 630 34.39 15.95 12.89
N CYS A 631 35.27 15.40 13.73
CA CYS A 631 34.92 14.89 15.04
C CYS A 631 34.65 15.99 16.05
N LEU A 632 35.21 17.19 15.85
CA LEU A 632 34.93 18.32 16.75
C LEU A 632 33.42 18.58 16.80
N ALA A 633 32.76 18.65 15.64
CA ALA A 633 31.31 18.84 15.56
C ALA A 633 30.54 17.91 16.51
N TYR A 634 30.89 16.63 16.52
CA TYR A 634 30.29 15.67 17.44
C TYR A 634 30.61 15.92 18.90
N LYS A 635 31.85 16.29 19.18
CA LYS A 635 32.23 16.70 20.54
C LYS A 635 31.43 17.94 20.98
N ASN A 636 31.28 18.92 20.08
CA ASN A 636 30.49 20.10 20.41
C ASN A 636 29.01 19.83 20.52
N ASP A 637 28.47 18.92 19.70
CA ASP A 637 27.02 18.71 19.66
C ASP A 637 26.69 17.80 20.83
N LYS A 638 26.08 18.37 21.85
CA LYS A 638 25.83 17.67 23.10
C LYS A 638 24.84 16.54 23.00
N GLN A 639 23.93 16.61 22.03
CA GLN A 639 22.86 15.63 21.88
C GLN A 639 23.17 14.56 20.86
N MET A 640 24.24 14.73 20.10
CA MET A 640 24.52 13.91 18.91
C MET A 640 25.80 13.11 19.06
N SER A 641 25.76 11.82 18.73
CA SER A 641 26.93 10.95 18.70
C SER A 641 27.07 10.47 17.24
N TYR A 642 27.68 9.32 17.03
CA TYR A 642 27.85 8.83 15.67
C TYR A 642 27.91 7.33 15.71
N GLY A 643 27.61 6.75 14.55
CA GLY A 643 27.71 5.35 14.36
C GLY A 643 28.34 5.15 13.02
N PHE A 644 28.39 3.88 12.65
CA PHE A 644 29.04 3.41 11.44
C PHE A 644 28.03 2.60 10.62
N LEU A 645 28.12 2.73 9.29
CA LEU A 645 27.20 2.06 8.38
C LEU A 645 27.62 0.62 8.18
N PHE A 646 28.86 0.39 7.80
CA PHE A 646 29.41 -0.94 7.89
C PHE A 646 29.83 -1.20 9.34
N PRO A 647 29.36 -2.32 9.93
CA PRO A 647 29.59 -2.48 11.33
C PRO A 647 30.99 -3.03 11.65
N PRO A 648 31.72 -2.36 12.54
CA PRO A 648 33.01 -2.94 12.97
C PRO A 648 32.91 -4.37 13.52
N TYR A 649 31.75 -4.73 14.05
CA TYR A 649 31.51 -6.06 14.62
C TYR A 649 31.65 -7.21 13.62
N LEU A 650 31.50 -6.91 12.33
CA LEU A 650 31.55 -7.92 11.28
C LEU A 650 32.78 -7.79 10.37
N SER A 651 33.84 -7.16 10.88
CA SER A 651 35.12 -7.15 10.21
C SER A 651 35.63 -8.59 9.99
N SER A 652 36.30 -8.80 8.86
CA SER A 652 36.80 -10.12 8.49
C SER A 652 38.11 -10.46 9.23
N SER A 653 38.84 -9.44 9.69
CA SER A 653 40.09 -9.63 10.42
C SER A 653 40.30 -8.41 11.29
N PRO A 654 41.21 -8.51 12.29
CA PRO A 654 41.55 -7.32 13.08
C PRO A 654 42.11 -6.17 12.23
N GLU A 655 42.89 -6.50 11.21
CA GLU A 655 43.45 -5.51 10.27
C GLU A 655 42.36 -4.78 9.49
N ALA A 656 41.42 -5.55 8.93
CA ALA A 656 40.27 -4.98 8.21
C ALA A 656 39.34 -4.12 9.07
N LYS A 657 39.26 -4.40 10.37
CA LYS A 657 38.36 -3.67 11.25
C LYS A 657 38.67 -2.17 11.27
N TYR A 658 39.94 -1.81 11.03
CA TYR A 658 40.35 -0.40 10.94
C TYR A 658 39.59 0.38 9.88
N ASP A 659 39.30 -0.26 8.75
CA ASP A 659 38.47 0.34 7.68
C ASP A 659 37.10 0.81 8.16
N ALA A 660 36.52 0.05 9.09
CA ALA A 660 35.21 0.36 9.60
C ALA A 660 35.21 1.68 10.35
N PHE A 661 36.37 2.09 10.91
CA PHE A 661 36.47 3.36 11.64
C PHE A 661 36.86 4.56 10.77
N LEU A 662 36.88 4.41 9.44
CA LEU A 662 37.06 5.55 8.56
C LEU A 662 35.95 6.57 8.74
N VAL A 663 36.32 7.86 8.73
CA VAL A 663 35.35 8.98 8.79
C VAL A 663 34.30 8.96 7.66
N THR A 664 34.66 8.36 6.53
CA THR A 664 33.71 8.16 5.40
C THR A 664 32.67 7.04 5.62
N ASN A 665 32.74 6.32 6.75
CA ASN A 665 31.79 5.27 7.11
C ASN A 665 30.92 5.69 8.31
N MET A 666 31.11 6.92 8.75
CA MET A 666 30.54 7.41 9.99
C MET A 666 29.28 8.23 9.64
N VAL A 667 28.28 8.15 10.50
CA VAL A 667 27.05 8.91 10.27
C VAL A 667 26.56 9.40 11.61
N PRO A 668 25.82 10.53 11.65
CA PRO A 668 25.32 11.07 12.92
C PRO A 668 24.24 10.20 13.51
N MET A 669 24.37 9.96 14.81
CA MET A 669 23.42 9.14 15.53
C MET A 669 23.22 9.62 16.94
N TYR A 670 21.97 9.89 17.29
CA TYR A 670 21.57 10.03 18.68
C TYR A 670 21.98 8.82 19.50
N PRO A 671 22.49 9.02 20.73
CA PRO A 671 22.74 7.88 21.62
C PRO A 671 21.55 6.92 21.76
N ALA A 672 20.32 7.45 21.81
CA ALA A 672 19.13 6.60 21.91
C ALA A 672 19.03 5.66 20.73
N PHE A 673 19.31 6.21 19.56
CA PHE A 673 19.25 5.44 18.34
C PHE A 673 20.38 4.43 18.26
N LYS A 674 21.54 4.80 18.78
CA LYS A 674 22.67 3.86 18.82
C LYS A 674 22.36 2.54 19.53
N ARG A 675 21.49 2.55 20.53
CA ARG A 675 21.05 1.29 21.14
C ARG A 675 20.41 0.36 20.12
N VAL A 676 19.60 0.94 19.24
CA VAL A 676 18.89 0.20 18.22
C VAL A 676 19.88 -0.24 17.14
N TRP A 677 20.64 0.72 16.61
CA TRP A 677 21.56 0.41 15.55
C TRP A 677 22.67 -0.60 15.95
N ALA A 678 23.21 -0.48 17.15
CA ALA A 678 24.26 -1.36 17.64
C ALA A 678 23.78 -2.80 17.76
N TYR A 679 22.55 -2.96 18.23
CA TYR A 679 21.91 -4.27 18.28
C TYR A 679 21.68 -4.86 16.90
N PHE A 680 21.18 -4.04 15.99
CA PHE A 680 20.95 -4.49 14.64
C PHE A 680 22.29 -4.98 14.06
N GLN A 681 23.32 -4.16 14.21
CA GLN A 681 24.60 -4.45 13.65
C GLN A 681 25.34 -5.61 14.31
N ARG A 682 25.24 -5.73 15.63
CA ARG A 682 26.03 -6.66 16.40
C ARG A 682 25.35 -8.01 16.46
N VAL A 683 24.02 -8.01 16.58
CA VAL A 683 23.25 -9.24 16.76
C VAL A 683 22.40 -9.64 15.55
N LEU A 684 21.60 -8.72 15.00
CA LEU A 684 20.60 -9.12 14.04
C LEU A 684 21.16 -9.44 12.68
N VAL A 685 22.15 -8.66 12.20
CA VAL A 685 22.76 -8.96 10.89
C VAL A 685 23.30 -10.40 10.90
N LYS A 686 24.08 -10.78 11.91
CA LYS A 686 24.55 -12.18 12.06
C LYS A 686 23.36 -13.16 12.08
N LYS A 687 22.31 -12.82 12.84
CA LYS A 687 21.13 -13.68 12.90
C LYS A 687 20.51 -13.90 11.52
N TYR A 688 20.31 -12.83 10.76
CA TYR A 688 19.75 -12.94 9.42
C TYR A 688 20.66 -13.74 8.50
N ALA A 689 21.97 -13.47 8.54
CA ALA A 689 22.93 -14.25 7.74
C ALA A 689 22.86 -15.74 8.04
N SER A 690 22.70 -16.07 9.32
CA SER A 690 22.60 -17.45 9.80
C SER A 690 21.31 -18.17 9.42
N GLU A 691 20.24 -17.40 9.27
CA GLU A 691 18.92 -17.93 8.93
C GLU A 691 18.73 -18.06 7.45
N ARG A 692 19.37 -17.20 6.68
CA ARG A 692 19.06 -17.02 5.25
C ARG A 692 20.17 -17.53 4.35
N ASN A 693 21.16 -18.19 4.97
CA ASN A 693 22.34 -18.65 4.27
C ASN A 693 23.07 -17.49 3.63
N GLY A 694 23.40 -16.53 4.49
CA GLY A 694 24.13 -15.37 4.10
C GLY A 694 23.15 -14.28 3.72
N VAL A 695 23.59 -13.05 3.88
CA VAL A 695 22.78 -11.91 3.40
C VAL A 695 23.69 -10.84 2.84
N ASN A 696 23.14 -10.08 1.92
CA ASN A 696 23.74 -8.84 1.48
C ASN A 696 22.96 -7.71 2.08
N VAL A 697 23.67 -6.73 2.63
CA VAL A 697 23.06 -5.64 3.35
C VAL A 697 23.48 -4.38 2.63
N ILE A 698 22.50 -3.53 2.32
CA ILE A 698 22.76 -2.16 1.92
C ILE A 698 22.08 -1.24 2.92
N SER A 699 22.87 -0.39 3.55
CA SER A 699 22.38 0.55 4.53
C SER A 699 22.76 1.96 4.19
N GLY A 700 22.04 2.89 4.76
CA GLY A 700 22.32 4.28 4.51
C GLY A 700 21.33 5.22 5.17
N PRO A 701 21.55 6.51 4.97
CA PRO A 701 20.71 7.55 5.55
C PRO A 701 19.59 7.95 4.61
N ILE A 702 18.52 8.46 5.22
CA ILE A 702 17.39 9.08 4.52
C ILE A 702 17.17 10.44 5.16
N PHE A 703 16.87 11.43 4.34
CA PHE A 703 16.48 12.74 4.82
C PHE A 703 15.09 13.10 4.28
N ASP A 704 14.10 13.17 5.16
CA ASP A 704 12.75 13.52 4.74
C ASP A 704 12.10 14.45 5.76
N TYR A 705 12.67 15.64 5.89
CA TYR A 705 12.22 16.63 6.86
C TYR A 705 10.81 17.14 6.57
N ASN A 706 10.41 17.16 5.30
CA ASN A 706 9.05 17.61 4.93
C ASN A 706 8.09 16.44 4.75
N TYR A 707 8.50 15.26 5.23
CA TYR A 707 7.66 14.09 5.30
C TYR A 707 6.80 13.83 4.07
N ASP A 708 7.36 14.00 2.87
CA ASP A 708 6.61 13.73 1.64
C ASP A 708 6.96 12.38 1.02
N GLY A 709 7.78 11.61 1.71
CA GLY A 709 8.21 10.30 1.23
C GLY A 709 9.27 10.36 0.16
N LEU A 710 9.82 11.55 -0.11
CA LEU A 710 10.75 11.79 -1.20
C LEU A 710 12.04 12.36 -0.65
N ARG A 711 13.17 11.99 -1.25
CA ARG A 711 14.47 12.51 -0.76
C ARG A 711 14.49 14.01 -0.71
N ASP A 712 15.08 14.54 0.36
CA ASP A 712 15.21 15.97 0.54
C ASP A 712 16.31 16.49 -0.30
N THR A 713 16.13 17.71 -0.81
CA THR A 713 17.22 18.55 -1.29
C THR A 713 17.94 19.12 -0.07
N GLU A 714 19.16 19.61 -0.29
CA GLU A 714 19.96 20.26 0.77
C GLU A 714 19.17 21.32 1.46
N ASP A 715 18.49 22.10 0.61
CA ASP A 715 17.55 23.14 1.00
C ASP A 715 16.52 22.69 2.03
N GLU A 716 15.99 21.48 1.92
CA GLU A 716 14.95 21.01 2.85
C GLU A 716 15.46 20.37 4.17
N ILE A 717 16.78 20.22 4.33
CA ILE A 717 17.33 19.68 5.59
C ILE A 717 17.23 20.74 6.66
N LYS A 718 16.57 20.42 7.77
CA LYS A 718 16.34 21.40 8.84
C LYS A 718 17.25 21.20 10.02
N GLN A 719 18.11 20.17 10.03
CA GLN A 719 18.96 19.92 11.18
C GLN A 719 20.32 19.38 10.77
N TYR A 720 21.34 19.94 11.41
CA TYR A 720 22.71 19.65 11.15
C TYR A 720 23.33 19.40 12.51
N VAL A 721 24.44 18.67 12.51
CA VAL A 721 25.26 18.52 13.71
C VAL A 721 25.77 19.95 14.01
N GLU A 722 25.60 20.38 15.28
CA GLU A 722 25.99 21.72 15.80
C GLU A 722 27.26 22.26 15.18
N GLY A 723 27.17 23.47 14.62
CA GLY A 723 28.32 24.18 14.11
C GLY A 723 28.90 23.61 12.83
N SER A 724 28.16 22.70 12.16
CA SER A 724 28.71 21.99 11.01
C SER A 724 27.73 22.00 9.89
N SER A 725 28.18 21.54 8.74
CA SER A 725 27.29 21.30 7.61
C SER A 725 27.00 19.80 7.42
N ILE A 726 27.10 19.03 8.51
CA ILE A 726 26.78 17.59 8.51
C ILE A 726 25.27 17.42 8.76
N PRO A 727 24.48 17.06 7.73
CA PRO A 727 23.05 16.93 7.93
C PRO A 727 22.70 15.73 8.78
N VAL A 728 21.62 15.86 9.53
CA VAL A 728 21.16 14.77 10.40
C VAL A 728 20.07 14.00 9.62
N PRO A 729 20.26 12.69 9.41
CA PRO A 729 19.19 11.91 8.80
C PRO A 729 17.95 11.84 9.64
N THR A 730 16.80 11.79 9.00
CA THR A 730 15.53 11.55 9.69
C THR A 730 15.35 10.05 9.90
N HIS A 731 15.99 9.25 9.06
CA HIS A 731 15.86 7.81 9.11
C HIS A 731 17.14 7.11 8.64
N TYR A 732 17.27 5.84 9.01
CA TYR A 732 18.29 4.95 8.48
C TYR A 732 17.59 3.75 7.91
N TYR A 733 17.97 3.40 6.67
CA TYR A 733 17.45 2.21 6.01
C TYR A 733 18.44 1.06 5.99
N SER A 734 17.91 -0.15 5.85
CA SER A 734 18.71 -1.24 5.35
C SER A 734 17.89 -2.13 4.46
N ILE A 735 18.53 -2.64 3.41
CA ILE A 735 17.94 -3.58 2.51
C ILE A 735 18.71 -4.88 2.62
N ILE A 736 18.05 -5.98 2.96
CA ILE A 736 18.72 -7.22 3.26
C ILE A 736 18.26 -8.28 2.29
N THR A 737 19.19 -8.71 1.46
CA THR A 737 18.87 -9.57 0.36
C THR A 737 19.59 -10.90 0.47
N SER A 738 18.90 -11.96 0.08
CA SER A 738 19.49 -13.28 0.03
C SER A 738 18.79 -14.07 -1.07
N CYS A 739 19.10 -15.36 -1.17
CA CYS A 739 18.56 -16.19 -2.21
C CYS A 739 17.19 -16.71 -1.76
N LEU A 740 16.18 -16.63 -2.63
CA LEU A 740 14.88 -17.21 -2.31
C LEU A 740 15.04 -18.71 -2.06
N ASP A 741 15.85 -19.36 -2.89
CA ASP A 741 16.31 -20.72 -2.65
C ASP A 741 17.43 -20.68 -1.61
N PHE A 742 17.08 -20.93 -0.36
CA PHE A 742 18.01 -20.79 0.77
C PHE A 742 19.05 -21.91 0.81
N THR A 743 18.93 -22.89 -0.08
CA THR A 743 19.99 -23.90 -0.23
C THR A 743 21.17 -23.29 -0.96
N GLN A 744 21.03 -22.09 -1.54
CA GLN A 744 22.15 -21.41 -2.17
C GLN A 744 22.58 -20.20 -1.34
N PRO A 745 23.90 -20.04 -1.12
CA PRO A 745 24.34 -18.85 -0.42
C PRO A 745 23.95 -17.59 -1.16
N ALA A 746 23.88 -16.47 -0.43
CA ALA A 746 23.50 -15.19 -1.00
C ALA A 746 24.39 -14.78 -2.17
N ASP A 747 25.68 -15.11 -2.09
CA ASP A 747 26.61 -14.66 -3.11
C ASP A 747 26.69 -15.56 -4.31
N LYS A 748 26.01 -16.71 -4.31
CA LYS A 748 26.04 -17.64 -5.47
C LYS A 748 24.62 -18.13 -5.69
N CYS A 749 23.74 -17.20 -6.01
CA CYS A 749 22.30 -17.43 -6.12
C CYS A 749 21.95 -17.35 -7.60
N ASP A 750 21.33 -18.40 -8.12
CA ASP A 750 20.96 -18.48 -9.54
C ASP A 750 19.59 -17.96 -9.87
N GLY A 751 18.73 -17.75 -8.87
CA GLY A 751 17.29 -17.60 -9.11
C GLY A 751 16.69 -16.36 -8.46
N PRO A 752 15.39 -16.42 -8.15
CA PRO A 752 14.69 -15.33 -7.43
C PRO A 752 15.41 -14.96 -6.13
N LEU A 753 15.37 -13.66 -5.84
CA LEU A 753 15.90 -13.09 -4.62
C LEU A 753 14.82 -13.00 -3.57
N SER A 754 15.27 -12.82 -2.34
CA SER A 754 14.46 -12.67 -1.20
C SER A 754 14.95 -11.44 -0.46
N VAL A 755 14.03 -10.51 -0.17
CA VAL A 755 14.41 -9.22 0.41
C VAL A 755 13.57 -8.94 1.62
N SER A 756 14.19 -8.34 2.63
CA SER A 756 13.43 -7.61 3.65
C SER A 756 14.17 -6.29 3.90
N SER A 757 13.40 -5.27 4.20
CA SER A 757 13.90 -3.93 4.31
C SER A 757 13.25 -3.19 5.49
N PHE A 758 13.95 -2.16 5.98
CA PHE A 758 13.38 -1.28 7.00
CA PHE A 758 13.52 -1.33 7.10
C PHE A 758 13.84 0.15 6.80
N ILE A 759 13.03 1.07 7.33
CA ILE A 759 13.33 2.49 7.35
C ILE A 759 13.14 2.84 8.83
N LEU A 760 14.23 2.82 9.60
CA LEU A 760 14.15 3.14 11.01
C LEU A 760 14.15 4.63 11.29
N PRO A 761 13.19 5.10 12.09
CA PRO A 761 13.21 6.53 12.41
C PRO A 761 14.39 6.85 13.32
N HIS A 762 15.08 7.93 12.95
CA HIS A 762 16.24 8.35 13.70
C HIS A 762 15.84 9.29 14.82
N ARG A 763 15.43 8.71 15.94
CA ARG A 763 14.82 9.44 17.06
CA ARG A 763 14.86 9.49 17.02
C ARG A 763 15.82 9.66 18.22
N PRO A 764 15.78 10.85 18.88
CA PRO A 764 16.63 11.12 20.04
C PRO A 764 16.22 10.43 21.33
N ASP A 765 15.12 9.70 21.31
CA ASP A 765 14.70 8.89 22.44
C ASP A 765 14.07 7.61 21.85
N ASN A 766 13.79 6.66 22.74
CA ASN A 766 13.07 5.46 22.37
C ASN A 766 11.68 5.41 22.97
N ASP A 767 11.04 6.56 23.05
CA ASP A 767 9.69 6.66 23.56
C ASP A 767 8.69 5.81 22.80
N GLU A 768 8.95 5.57 21.52
CA GLU A 768 8.13 4.64 20.74
C GLU A 768 8.11 3.23 21.31
N SER A 769 9.22 2.81 21.91
CA SER A 769 9.36 1.45 22.38
C SER A 769 9.14 1.44 23.89
N CYS A 770 7.95 1.04 24.31
CA CYS A 770 7.61 1.07 25.73
C CYS A 770 8.47 0.10 26.57
N ALA A 771 9.05 -0.93 25.95
CA ALA A 771 9.92 -1.84 26.68
C ALA A 771 11.40 -1.54 26.49
N SER A 772 11.76 -0.31 26.11
CA SER A 772 13.16 0.02 25.84
C SER A 772 14.06 0.10 27.09
N SER A 773 13.47 0.13 28.26
CA SER A 773 14.30 0.05 29.50
C SER A 773 14.91 -1.34 29.59
N GLU A 774 14.23 -2.32 29.01
CA GLU A 774 14.73 -3.68 28.99
C GLU A 774 15.90 -3.89 28.01
N ASP A 775 16.45 -5.10 28.05
CA ASP A 775 17.48 -5.53 27.12
C ASP A 775 16.96 -5.38 25.71
N GLU A 776 17.84 -5.01 24.78
CA GLU A 776 17.51 -4.82 23.36
C GLU A 776 16.87 -6.04 22.71
N SER A 777 17.19 -7.25 23.18
CA SER A 777 16.55 -8.46 22.65
C SER A 777 15.06 -8.56 22.95
N LYS A 778 14.51 -7.65 23.76
CA LYS A 778 13.09 -7.59 24.10
C LYS A 778 12.29 -6.57 23.31
N TRP A 779 12.94 -5.71 22.53
CA TRP A 779 12.20 -4.63 21.87
C TRP A 779 12.73 -4.12 20.54
N VAL A 780 14.01 -4.27 20.24
CA VAL A 780 14.56 -3.62 19.06
C VAL A 780 14.01 -4.25 17.79
N GLU A 781 13.98 -5.58 17.76
CA GLU A 781 13.44 -6.29 16.63
C GLU A 781 11.94 -5.96 16.36
N GLU A 782 11.15 -5.83 17.43
N GLU A 782 11.16 -5.83 17.42
CA GLU A 782 9.76 -5.37 17.34
CA GLU A 782 9.78 -5.39 17.33
C GLU A 782 9.70 -3.99 16.71
C GLU A 782 9.69 -3.99 16.72
N LEU A 783 10.62 -3.10 17.11
CA LEU A 783 10.68 -1.76 16.51
C LEU A 783 10.94 -1.91 14.99
N MET A 784 11.91 -2.75 14.65
CA MET A 784 12.29 -2.88 13.28
C MET A 784 11.15 -3.43 12.41
N LYS A 785 10.43 -4.42 12.90
CA LYS A 785 9.33 -5.04 12.14
C LYS A 785 8.20 -4.04 11.86
N MET A 786 7.94 -3.16 12.81
CA MET A 786 6.96 -2.09 12.65
C MET A 786 7.36 -1.13 11.53
N HIS A 787 8.67 -0.96 11.32
CA HIS A 787 9.18 -0.04 10.31
C HIS A 787 9.78 -0.75 9.11
N THR A 788 9.32 -1.98 8.91
CA THR A 788 9.47 -2.67 7.65
C THR A 788 9.05 -1.78 6.46
N ALA A 789 9.72 -1.98 5.33
CA ALA A 789 9.52 -1.14 4.15
C ALA A 789 9.77 -1.92 2.88
N ARG A 790 9.22 -1.41 1.80
CA ARG A 790 9.52 -1.89 0.47
C ARG A 790 10.84 -1.23 0.00
N VAL A 791 11.58 -1.93 -0.82
CA VAL A 791 12.74 -1.32 -1.47
C VAL A 791 12.33 -0.03 -2.22
N ARG A 792 11.20 -0.11 -2.90
CA ARG A 792 10.66 1.04 -3.59
C ARG A 792 10.47 2.26 -2.68
N ASP A 793 10.07 2.05 -1.44
CA ASP A 793 9.91 3.15 -0.48
C ASP A 793 11.27 3.81 -0.21
N ILE A 794 12.30 2.97 -0.06
CA ILE A 794 13.66 3.45 0.09
C ILE A 794 14.12 4.22 -1.17
N GLU A 795 13.80 3.70 -2.35
CA GLU A 795 14.18 4.35 -3.60
C GLU A 795 13.63 5.75 -3.66
N HIS A 796 12.36 5.91 -3.30
CA HIS A 796 11.74 7.23 -3.33
C HIS A 796 12.46 8.15 -2.32
N LEU A 797 12.84 7.61 -1.19
CA LEU A 797 13.44 8.43 -0.12
C LEU A 797 14.92 8.74 -0.31
N THR A 798 15.59 8.05 -1.22
CA THR A 798 17.03 8.23 -1.42
C THR A 798 17.41 8.73 -2.79
N GLY A 799 16.54 8.58 -3.78
CA GLY A 799 16.94 8.85 -5.17
C GLY A 799 17.88 7.79 -5.73
N LEU A 800 17.88 6.60 -5.13
CA LEU A 800 18.73 5.53 -5.58
C LEU A 800 17.88 4.50 -6.30
N ASP A 801 18.49 3.72 -7.17
CA ASP A 801 17.77 2.65 -7.89
C ASP A 801 18.57 1.35 -7.69
N PHE A 802 18.00 0.35 -7.04
CA PHE A 802 18.71 -0.87 -6.69
C PHE A 802 18.46 -1.97 -7.70
N TYR A 803 19.25 -3.06 -7.57
CA TYR A 803 19.08 -4.29 -8.35
C TYR A 803 19.19 -4.09 -9.85
N ARG A 804 20.17 -3.28 -10.23
CA ARG A 804 20.39 -2.96 -11.64
C ARG A 804 21.07 -4.05 -12.44
N LYS A 805 21.86 -4.90 -11.77
CA LYS A 805 22.60 -5.98 -12.44
C LYS A 805 22.35 -7.29 -11.77
N THR A 806 21.30 -7.95 -12.21
CA THR A 806 20.95 -9.30 -11.74
C THR A 806 20.71 -10.13 -13.00
N SER A 807 20.53 -11.42 -12.77
CA SER A 807 20.03 -12.34 -13.76
C SER A 807 18.49 -12.36 -13.91
N ARG A 808 17.74 -11.47 -13.23
CA ARG A 808 16.27 -11.50 -13.26
C ARG A 808 15.73 -10.50 -14.28
N SER A 809 14.52 -10.75 -14.78
CA SER A 809 13.87 -9.76 -15.64
C SER A 809 13.55 -8.49 -14.86
N TYR A 810 13.42 -7.37 -15.56
CA TYR A 810 13.21 -6.11 -14.85
C TYR A 810 11.82 -6.08 -14.19
N SER A 811 10.85 -6.72 -14.83
CA SER A 811 9.51 -6.77 -14.25
C SER A 811 9.51 -7.62 -12.96
N GLU A 812 10.29 -8.71 -12.94
CA GLU A 812 10.48 -9.52 -11.72
C GLU A 812 11.14 -8.68 -10.63
N ILE A 813 12.14 -7.89 -11.00
CA ILE A 813 12.81 -7.01 -10.05
C ILE A 813 11.85 -5.94 -9.52
N LEU A 814 10.94 -5.45 -10.37
CA LEU A 814 9.96 -4.46 -9.92
C LEU A 814 9.01 -5.05 -8.85
N THR A 815 8.63 -6.32 -9.07
CA THR A 815 7.91 -7.11 -8.09
C THR A 815 8.69 -7.24 -6.81
N LEU A 816 9.97 -7.59 -6.89
CA LEU A 816 10.84 -7.65 -5.72
C LEU A 816 10.88 -6.29 -4.99
N LYS A 817 10.97 -5.20 -5.74
CA LYS A 817 11.09 -3.88 -5.10
C LYS A 817 9.81 -3.42 -4.38
N THR A 818 8.68 -3.96 -4.83
CA THR A 818 7.39 -3.69 -4.22
C THR A 818 7.04 -4.63 -3.10
N TYR A 819 7.80 -5.70 -2.89
CA TYR A 819 7.51 -6.61 -1.78
C TYR A 819 7.64 -5.90 -0.43
N LEU A 820 6.71 -6.21 0.49
CA LEU A 820 6.82 -5.79 1.88
C LEU A 820 6.83 -7.05 2.73
N HIS A 821 7.89 -7.25 3.50
CA HIS A 821 7.90 -8.29 4.52
C HIS A 821 7.07 -7.78 5.73
N THR A 822 5.95 -8.42 5.99
CA THR A 822 4.99 -7.94 6.99
C THR A 822 5.11 -8.50 8.40
N TYR A 823 5.64 -9.71 8.55
CA TYR A 823 5.85 -10.34 9.89
C TYR A 823 4.57 -10.76 10.58
N GLU A 824 3.50 -11.00 9.84
CA GLU A 824 2.26 -11.43 10.48
C GLU A 824 2.23 -12.92 10.77
C1 NAG B . 2.66 9.41 -5.12
C2 NAG B . 4.01 10.01 -4.78
C3 NAG B . 3.90 11.52 -4.85
C4 NAG B . 3.37 11.97 -6.19
C5 NAG B . 2.13 11.20 -6.60
C6 NAG B . 1.71 11.49 -8.05
C7 NAG B . 5.43 8.90 -3.14
C8 NAG B . 5.68 8.69 -1.71
N2 NAG B . 4.37 9.64 -3.44
O3 NAG B . 5.15 12.13 -4.62
O4 NAG B . 2.96 13.30 -6.01
O5 NAG B . 2.36 9.83 -6.45
O6 NAG B . 2.75 11.15 -8.95
O7 NAG B . 6.18 8.45 -3.98
C1 NAG B . 3.49 14.17 -6.99
C2 NAG B . 2.53 15.36 -7.13
C3 NAG B . 3.12 16.44 -8.01
C4 NAG B . 4.59 16.73 -7.65
C5 NAG B . 5.40 15.44 -7.50
C6 NAG B . 6.83 15.64 -7.01
C7 NAG B . 0.15 14.58 -6.89
C8 NAG B . 0.12 14.96 -5.44
N2 NAG B . 1.26 14.82 -7.65
O3 NAG B . 2.24 17.56 -7.80
O4 NAG B . 5.21 17.38 -8.75
O5 NAG B . 4.76 14.58 -6.57
O6 NAG B . 6.77 16.34 -5.76
O7 NAG B . -0.87 14.08 -7.33
C1 BMA B . 5.92 18.54 -8.35
C2 BMA B . 6.90 18.90 -9.47
C3 BMA B . 7.51 20.29 -9.25
C4 BMA B . 6.54 21.32 -8.64
C5 BMA B . 5.64 20.73 -7.54
C6 BMA B . 4.60 21.71 -6.93
O2 BMA B . 6.26 18.79 -10.75
O3 BMA B . 8.06 20.81 -10.47
O4 BMA B . 7.34 22.36 -8.07
O5 BMA B . 4.98 19.59 -8.06
O6 BMA B . 3.47 21.95 -7.79
ZN ZN C . -15.25 -0.61 3.06
ZN ZN D . -17.01 -0.93 7.29
I IOD E . -11.36 7.87 9.50
I IOD F . -13.41 15.47 11.21
I IOD G . 27.18 -15.52 1.32
I IOD H . 42.10 14.09 11.79
I IOD I . 13.36 -11.67 -8.03
I IOD J . -16.51 22.47 -4.57
I IOD K . 10.59 -6.98 -18.41
I IOD L . 20.71 17.93 -3.54
I IOD M . 27.44 18.18 -8.01
I IOD N . -49.34 -8.36 -28.44
I IOD O . -18.86 16.81 -9.48
I IOD P . -2.62 16.72 28.73
CA CA Q . 11.26 14.97 1.46
NA NA R . 10.98 3.68 25.75
NA NA S . 28.19 14.63 21.10
C18 5JK T . -18.28 13.10 -5.72
C13 5JK T . -18.13 11.77 -6.47
C12 5JK T . -16.72 11.21 -6.23
C11 5JK T . -15.67 12.18 -6.73
C9 5JK T . -15.78 12.53 -8.24
C10 5JK T . -14.76 13.55 -8.71
C19 5JK T . -14.91 14.89 -7.98
C1 5JK T . -13.36 12.97 -8.54
C2 5JK T . -12.29 13.81 -9.20
C3 5JK T . -12.53 13.68 -10.67
O1 5JK T . -11.49 14.34 -11.37
C4 5JK T . -13.86 14.26 -11.09
C5 5JK T . -14.99 13.89 -10.19
C6 5JK T . -16.22 13.84 -10.75
C7 5JK T . -17.32 13.00 -10.16
O2 5JK T . -17.11 11.75 -10.87
C8 5JK T . -17.23 12.90 -8.64
C14 5JK T . -18.23 11.93 -7.99
C15 5JK T . -19.73 12.13 -8.24
C16 5JK T . -20.41 11.32 -7.13
C17 5JK T . -19.32 10.84 -6.15
C20 5JK T . -19.88 10.71 -4.71
C21 5JK T . -18.78 10.59 -3.63
C22 5JK T . -20.84 9.52 -4.60
C23 5JK T . -21.56 9.42 -3.25
C24 5JK T . -22.68 8.36 -3.26
C25 5JK T . -23.22 8.00 -1.84
C27 5JK T . -24.52 7.20 -1.96
C26 5JK T . -22.20 7.29 -0.92
C1 7CR U . -20.25 4.27 1.63
C2 7CR U . -21.26 3.91 0.52
C3 7CR U . -19.53 4.38 -1.27
C4 7CR U . -19.06 3.99 -2.69
C5 7CR U . -21.48 4.19 -3.12
C6 7CR U . -21.79 3.48 -1.81
C8 7CR U . -18.03 1.83 -6.04
C10 7CR U . -15.72 1.07 -6.89
C11 7CR U . -14.37 1.38 -7.17
C12 7CR U . -13.86 2.63 -6.98
C13 7CR U . -14.69 3.59 -6.49
C15 7CR U . -20.05 3.33 3.96
C16 7CR U . -19.75 2.00 3.56
C17 7CR U . -19.00 1.13 4.36
C19 7CR U . -17.70 2.01 7.52
C20 7CR U . -18.84 2.96 6.02
C21 7CR U . -19.59 3.81 5.19
CL1 7CR U . -14.03 5.20 -6.20
O3 7CR U . -17.06 1.80 8.59
N2 7CR U . -17.83 1.07 6.58
O4 7CR U . -18.31 3.19 7.22
C18 7CR U . -18.54 1.59 5.58
C 7CR U . -20.84 4.23 3.07
O 7CR U . -22.22 3.84 3.09
N 7CR U . -20.68 3.55 -0.81
N1 7CR U . -20.19 3.67 -3.57
C7 7CR U . -20.03 2.99 -4.73
O1 7CR U . -21.00 2.45 -5.29
O2 7CR U . -18.70 2.94 -5.34
C9 7CR U . -16.57 2.10 -6.41
C14 7CR U . -16.02 3.36 -6.20
CL 7CR U . -13.18 0.21 -7.78
S SCN V . -19.50 9.36 -11.14
C SCN V . -18.73 8.17 -12.03
N SCN V . -18.18 7.35 -12.63
S SCN W . -24.14 -8.26 -3.81
C SCN W . -24.94 -8.79 -2.44
N SCN W . -25.49 -9.16 -1.50
S SCN X . -30.87 8.94 -0.64
C SCN X . -30.83 7.51 -1.52
N SCN X . -30.80 6.54 -2.12
S SCN Y . -7.16 16.60 -2.79
C SCN Y . -7.96 18.06 -2.80
N SCN Y . -8.51 19.06 -2.80
S SCN Z . -1.84 -17.73 -19.09
C SCN Z . -0.61 -16.93 -19.93
N SCN Z . 0.24 -16.39 -20.51
S SCN AA . -11.35 20.22 -7.99
C SCN AA . -10.09 20.99 -7.17
N SCN AA . -9.23 21.51 -6.59
S SCN BA . 15.23 12.32 -6.41
C SCN BA . 15.15 11.36 -7.77
N SCN BA . 15.07 10.70 -8.72
S SCN CA . -5.43 18.45 0.43
C SCN CA . -5.00 18.72 -1.17
N SCN CA . -4.73 18.90 -2.29
S SCN DA . 2.42 -16.44 -2.71
C SCN DA . 2.60 -16.72 -4.37
N SCN DA . 2.74 -16.91 -5.51
S SCN EA . 26.45 6.47 22.84
C SCN EA . 26.91 7.95 23.50
N SCN EA . 27.22 8.96 23.93
S SCN FA . -20.77 -18.41 -32.64
C SCN FA . -19.13 -18.32 -33.02
N SCN FA . -18.00 -18.28 -33.27
S SCN GA . 45.52 -4.83 15.68
C SCN GA . 46.00 -5.56 14.24
N SCN GA . 46.36 -6.05 13.25
S SCN HA . 23.71 1.21 -14.35
C SCN HA . 24.23 0.34 -12.99
N SCN HA . 24.59 -0.26 -12.06
S SCN IA . -29.30 26.50 -12.11
C SCN IA . -30.50 26.03 -11.03
N SCN IA . -31.31 25.70 -10.28
S SCN JA . 18.05 16.41 -9.87
C SCN JA . 17.54 15.40 -11.12
N SCN JA . 17.21 14.70 -11.99
S SCN KA . 30.77 -9.03 20.31
C SCN KA . 29.28 -9.81 20.25
N SCN KA . 28.26 -10.35 20.19
S SCN LA . 16.71 9.20 -14.61
C SCN LA . 15.53 9.55 -13.45
N SCN LA . 14.72 9.79 -12.67
C1 GOL MA . -21.24 13.88 35.98
O1 GOL MA . -20.74 13.09 37.07
C2 GOL MA . -22.62 14.52 36.31
O2 GOL MA . -22.40 15.92 36.43
C3 GOL MA . -23.73 14.30 35.27
O3 GOL MA . -25.06 14.26 35.78
C1 GOL NA . 27.04 2.37 16.60
O1 GOL NA . 26.08 2.53 17.65
C2 GOL NA . 27.48 0.91 16.57
O2 GOL NA . 28.24 0.63 17.76
C3 GOL NA . 28.37 0.60 15.36
O3 GOL NA . 27.89 1.27 14.23
C1 GOL OA . -16.78 9.40 31.81
O1 GOL OA . -17.74 8.45 32.17
C2 GOL OA . -17.57 10.56 31.47
O2 GOL OA . -17.96 10.20 30.25
C3 GOL OA . -16.77 11.83 31.35
O3 GOL OA . -17.70 12.93 31.27
C1 GOL PA . -43.97 -9.92 -27.28
O1 GOL PA . -42.63 -10.34 -26.96
C2 GOL PA . -44.08 -8.40 -27.14
O2 GOL PA . -43.29 -7.74 -28.15
C3 GOL PA . -45.55 -7.95 -27.20
O3 GOL PA . -45.85 -7.15 -28.36
C1 GOL QA . 13.98 -17.85 1.43
O1 GOL QA . 12.95 -18.65 0.87
C2 GOL QA . 13.56 -17.29 2.78
O2 GOL QA . 12.48 -16.35 2.61
C3 GOL QA . 14.74 -16.59 3.45
O3 GOL QA . 15.84 -17.51 3.58
I IOD RA . -24.69 -16.96 -30.74
I IOD SA . -15.03 4.71 18.92
#